data_5HBF
#
_entry.id   5HBF
#
_cell.length_a   51.143
_cell.length_b   106.661
_cell.length_c   85.670
_cell.angle_alpha   90.00
_cell.angle_beta   107.13
_cell.angle_gamma   90.00
#
_symmetry.space_group_name_H-M   'P 1 21 1'
#
loop_
_entity.id
_entity.type
_entity.pdbx_description
1 polymer Chitotriosidase-1
2 non-polymer GLYCEROL
3 water water
#
_entity_poly.entity_id   1
_entity_poly.type   'polypeptide(L)'
_entity_poly.pdbx_seq_one_letter_code
;MVRSVAWAGFMVLLMIPWGSAAKLVCYFTNWAQYRQGEARFLPKDLDPSLCTHLIYAFAGMTNHQLSTTEWNDETLYQEF
NGLKKMNPKLKTLLAIGGWNFGTQKFTDMVATANNRQTFVNSAIRFLRKYSFDGLDLDWEYPGSQGSPAVDKERFTTLVQ
DLANAFQQEAQTSGKERLLLSAAVPAGQTYVDAGYEVDKIAQNLDFVNLMAYDFHGSWEKVTGHNSPLYKRQEESGAAAS
LNVDAAVQQWLQKGTPASKLILGMPTYGRSFTLASSSDTRVGAPATGSGTPGPFTKEGGMLAYYEVCSWKGATKQRIQDQ
KVPYIFRDNQWVGFDDVESFKTKVSYLKQKGLGGAMVWALDLDDFAGFSCNQGRYPLIQTLRQELSLPYLPSGTPELEVP
KPGQPSEPEHGPSPGQDTFCQGKADGLYPNPRERSSFYSCAAGRLFQQSCPTGLVFSNSCKCCTWNLVPRGSLEHHHHHH
;
_entity_poly.pdbx_strand_id   A,B
#
# COMPACT_ATOMS: atom_id res chain seq x y z
N ALA A 22 -1.41 21.41 1.88
CA ALA A 22 -2.78 21.80 2.19
C ALA A 22 -3.02 23.26 1.86
N LYS A 23 -4.21 23.57 1.36
CA LYS A 23 -4.58 24.96 1.09
C LYS A 23 -5.47 25.53 2.20
N LEU A 24 -5.28 26.82 2.49
CA LEU A 24 -6.23 27.57 3.29
C LEU A 24 -6.72 28.73 2.43
N VAL A 25 -7.92 28.56 1.89
CA VAL A 25 -8.54 29.54 1.00
C VAL A 25 -9.47 30.46 1.79
N CYS A 26 -9.16 31.76 1.85
CA CYS A 26 -9.95 32.70 2.66
C CYS A 26 -10.59 33.79 1.82
N TYR A 27 -11.88 34.02 2.02
CA TYR A 27 -12.57 35.05 1.25
C TYR A 27 -12.52 36.43 1.92
N PHE A 28 -12.17 37.45 1.15
CA PHE A 28 -12.25 38.84 1.58
C PHE A 28 -13.54 39.39 0.98
N THR A 29 -14.26 40.27 1.68
CA THR A 29 -15.47 40.87 1.11
C THR A 29 -15.31 42.39 1.04
N ASN A 30 -15.69 42.99 -0.07
CA ASN A 30 -15.42 44.43 -0.24
C ASN A 30 -16.51 45.36 0.30
N TRP A 31 -17.46 44.80 1.05
CA TRP A 31 -18.47 45.62 1.73
C TRP A 31 -18.29 45.61 3.22
N ALA A 32 -17.30 44.85 3.70
CA ALA A 32 -17.05 44.74 5.14
C ALA A 32 -16.42 46.03 5.66
N GLN A 33 -15.86 46.81 4.74
CA GLN A 33 -15.31 48.12 5.07
C GLN A 33 -16.38 49.08 5.57
N TYR A 34 -17.65 48.73 5.33
CA TYR A 34 -18.76 49.61 5.65
C TYR A 34 -19.39 49.30 7.02
N ARG A 35 -18.99 48.20 7.63
CA ARG A 35 -19.53 47.90 8.96
C ARG A 35 -19.03 48.93 9.97
N GLN A 36 -19.79 49.11 11.03
CA GLN A 36 -19.52 50.19 11.99
C GLN A 36 -18.65 49.75 13.14
N GLY A 37 -17.96 50.71 13.75
CA GLY A 37 -17.11 50.45 14.90
C GLY A 37 -16.10 49.34 14.71
N GLU A 38 -15.99 48.48 15.71
CA GLU A 38 -14.95 47.46 15.73
C GLU A 38 -15.13 46.40 14.65
N ALA A 39 -16.30 46.37 14.02
CA ALA A 39 -16.56 45.33 13.00
C ALA A 39 -16.06 45.76 11.62
N ARG A 40 -15.64 47.01 11.52
N ARG A 40 -15.65 47.02 11.51
CA ARG A 40 -15.13 47.54 10.26
CA ARG A 40 -15.15 47.53 10.24
C ARG A 40 -13.86 46.80 9.86
C ARG A 40 -13.85 46.82 9.84
N PHE A 41 -13.89 46.15 8.70
CA PHE A 41 -12.72 45.46 8.18
C PHE A 41 -12.01 46.36 7.17
N LEU A 42 -10.73 46.63 7.40
CA LEU A 42 -9.94 47.57 6.59
C LEU A 42 -8.62 46.90 6.21
N PRO A 43 -7.87 47.49 5.25
CA PRO A 43 -6.61 46.90 4.77
C PRO A 43 -5.64 46.42 5.85
N LYS A 44 -5.50 47.17 6.95
CA LYS A 44 -4.60 46.80 8.05
C LYS A 44 -4.99 45.47 8.69
N ASP A 45 -6.25 45.07 8.53
CA ASP A 45 -6.74 43.88 9.19
C ASP A 45 -6.39 42.62 8.44
N LEU A 46 -5.85 42.79 7.23
CA LEU A 46 -5.39 41.66 6.42
C LEU A 46 -4.07 41.09 6.97
N ASP A 47 -3.99 39.77 7.06
CA ASP A 47 -2.80 39.08 7.54
C ASP A 47 -2.29 38.22 6.41
N PRO A 48 -1.17 38.61 5.76
CA PRO A 48 -0.65 37.94 4.57
C PRO A 48 -0.08 36.56 4.87
N SER A 49 0.07 36.22 6.14
CA SER A 49 0.68 34.96 6.52
C SER A 49 -0.38 33.95 6.99
N LEU A 50 -1.63 34.38 7.07
CA LEU A 50 -2.68 33.58 7.71
C LEU A 50 -3.23 32.49 6.80
N CYS A 51 -3.38 32.82 5.52
CA CYS A 51 -3.93 31.88 4.55
C CYS A 51 -2.94 31.66 3.39
N THR A 52 -3.16 30.60 2.62
CA THR A 52 -2.32 30.31 1.45
C THR A 52 -2.92 30.99 0.23
N HIS A 53 -4.23 31.11 0.22
CA HIS A 53 -4.94 31.75 -0.88
C HIS A 53 -5.98 32.75 -0.36
N LEU A 54 -5.96 33.97 -0.90
CA LEU A 54 -6.94 34.99 -0.53
C LEU A 54 -7.79 35.29 -1.72
N ILE A 55 -9.11 35.34 -1.56
CA ILE A 55 -9.98 35.60 -2.71
C ILE A 55 -10.83 36.81 -2.48
N TYR A 56 -10.84 37.72 -3.46
CA TYR A 56 -11.53 38.99 -3.37
C TYR A 56 -12.98 38.87 -3.87
N ALA A 57 -13.93 39.06 -2.97
CA ALA A 57 -15.34 39.06 -3.34
C ALA A 57 -15.89 40.48 -3.22
N PHE A 58 -16.51 41.02 -4.28
CA PHE A 58 -16.62 40.37 -5.58
C PHE A 58 -16.30 41.35 -6.68
N ALA A 59 -16.10 40.80 -7.88
CA ALA A 59 -16.15 41.57 -9.09
C ALA A 59 -17.53 41.34 -9.71
N GLY A 60 -17.90 42.20 -10.65
CA GLY A 60 -19.18 42.08 -11.33
C GLY A 60 -18.90 42.06 -12.83
N MET A 61 -19.90 42.36 -13.64
CA MET A 61 -19.73 42.28 -15.09
C MET A 61 -20.52 43.36 -15.81
N THR A 62 -19.88 44.02 -16.78
CA THR A 62 -20.55 45.06 -17.55
C THR A 62 -20.31 44.87 -19.04
N ASN A 63 -21.39 44.78 -19.80
CA ASN A 63 -21.32 44.42 -21.22
C ASN A 63 -20.45 43.20 -21.48
N HIS A 64 -20.62 42.16 -20.63
CA HIS A 64 -19.88 40.88 -20.71
C HIS A 64 -18.39 41.00 -20.39
N GLN A 65 -18.01 42.08 -19.71
CA GLN A 65 -16.61 42.27 -19.34
C GLN A 65 -16.47 42.42 -17.83
N LEU A 66 -15.30 42.03 -17.32
CA LEU A 66 -15.07 42.00 -15.89
C LEU A 66 -15.00 43.45 -15.38
N SER A 67 -15.62 43.74 -14.24
CA SER A 67 -15.63 45.13 -13.76
C SER A 67 -15.74 45.18 -12.24
N THR A 68 -15.35 46.33 -11.69
CA THR A 68 -15.37 46.59 -10.26
C THR A 68 -16.81 46.69 -9.77
N THR A 69 -17.01 46.50 -8.47
CA THR A 69 -18.34 46.63 -7.89
C THR A 69 -18.38 47.71 -6.81
N GLU A 70 -17.22 48.07 -6.28
CA GLU A 70 -17.15 49.13 -5.26
C GLU A 70 -16.28 50.30 -5.72
N TRP A 71 -16.75 51.50 -5.42
CA TRP A 71 -16.13 52.76 -5.84
C TRP A 71 -14.60 52.78 -5.61
N ASN A 72 -14.14 52.09 -4.57
CA ASN A 72 -12.71 52.06 -4.25
C ASN A 72 -12.01 50.72 -4.47
N ASP A 73 -12.62 49.84 -5.28
CA ASP A 73 -12.02 48.53 -5.55
C ASP A 73 -10.56 48.65 -5.99
N GLU A 74 -10.30 49.53 -6.96
N GLU A 74 -10.30 49.53 -6.96
CA GLU A 74 -8.95 49.70 -7.49
CA GLU A 74 -8.96 49.70 -7.50
C GLU A 74 -7.91 50.02 -6.41
C GLU A 74 -7.92 50.02 -6.42
N THR A 75 -8.29 50.86 -5.46
CA THR A 75 -7.43 51.10 -4.30
C THR A 75 -7.26 49.82 -3.45
N LEU A 76 -8.38 49.17 -3.16
CA LEU A 76 -8.32 47.90 -2.41
C LEU A 76 -7.51 46.78 -3.09
N TYR A 77 -7.55 46.68 -4.43
CA TYR A 77 -6.78 45.65 -5.14
C TYR A 77 -5.29 45.77 -4.83
N GLN A 78 -4.77 47.00 -4.82
CA GLN A 78 -3.35 47.27 -4.58
C GLN A 78 -2.93 46.93 -3.16
N GLU A 79 -3.75 47.32 -2.20
CA GLU A 79 -3.57 46.88 -0.81
C GLU A 79 -3.59 45.34 -0.74
N PHE A 80 -4.55 44.75 -1.44
CA PHE A 80 -4.81 43.32 -1.35
C PHE A 80 -3.62 42.54 -1.89
N ASN A 81 -3.27 42.78 -3.14
CA ASN A 81 -2.16 42.06 -3.75
C ASN A 81 -0.81 42.54 -3.22
N GLY A 82 -0.79 43.73 -2.65
CA GLY A 82 0.38 44.23 -1.95
C GLY A 82 0.77 43.36 -0.77
N LEU A 83 -0.16 42.52 -0.32
CA LEU A 83 0.14 41.57 0.74
C LEU A 83 1.24 40.58 0.31
N LYS A 84 1.40 40.39 -0.99
CA LYS A 84 2.37 39.43 -1.52
C LYS A 84 3.84 39.87 -1.34
N LYS A 85 4.05 41.15 -1.04
CA LYS A 85 5.39 41.65 -0.76
C LYS A 85 5.85 41.17 0.63
N MET A 86 4.90 41.03 1.54
CA MET A 86 5.20 40.47 2.86
C MET A 86 5.23 38.95 2.82
N ASN A 87 4.37 38.35 2.00
CA ASN A 87 4.37 36.91 1.77
C ASN A 87 4.24 36.59 0.29
N PRO A 88 5.36 36.21 -0.37
CA PRO A 88 5.30 35.96 -1.82
C PRO A 88 4.94 34.50 -2.15
N LYS A 89 4.73 33.69 -1.12
CA LYS A 89 4.12 32.37 -1.33
C LYS A 89 2.62 32.56 -1.58
N LEU A 90 2.09 33.63 -1.01
CA LEU A 90 0.65 33.95 -1.05
C LEU A 90 0.14 34.15 -2.47
N LYS A 91 -0.92 33.43 -2.83
CA LYS A 91 -1.59 33.65 -4.12
C LYS A 91 -2.92 34.39 -3.90
N THR A 92 -3.33 35.19 -4.88
CA THR A 92 -4.61 35.89 -4.79
C THR A 92 -5.50 35.63 -5.99
N LEU A 93 -6.80 35.59 -5.77
CA LEU A 93 -7.76 35.40 -6.83
C LEU A 93 -8.88 36.41 -6.67
N LEU A 94 -9.59 36.67 -7.76
CA LEU A 94 -10.71 37.59 -7.78
C LEU A 94 -11.98 36.81 -8.06
N ALA A 95 -12.97 36.92 -7.16
CA ALA A 95 -14.22 36.19 -7.35
C ALA A 95 -15.26 37.04 -8.10
N ILE A 96 -16.03 36.40 -8.99
CA ILE A 96 -17.14 37.07 -9.66
C ILE A 96 -18.47 36.40 -9.36
N GLY A 97 -19.50 37.20 -9.09
CA GLY A 97 -20.84 36.68 -8.84
C GLY A 97 -21.32 36.97 -7.43
N GLY A 98 -21.83 35.93 -6.76
CA GLY A 98 -22.30 36.04 -5.39
C GLY A 98 -23.80 36.22 -5.32
N TRP A 99 -24.33 36.37 -4.09
CA TRP A 99 -25.75 36.54 -3.83
C TRP A 99 -26.39 37.67 -4.62
N ASN A 100 -25.78 38.85 -4.52
CA ASN A 100 -26.34 40.09 -5.03
C ASN A 100 -26.32 40.15 -6.55
N PHE A 101 -25.35 39.48 -7.15
CA PHE A 101 -25.15 39.51 -8.59
C PHE A 101 -26.34 38.91 -9.31
N GLY A 102 -26.90 37.85 -8.73
CA GLY A 102 -27.96 37.11 -9.40
C GLY A 102 -27.37 36.29 -10.52
N THR A 103 -28.16 36.02 -11.55
CA THR A 103 -27.73 35.12 -12.61
C THR A 103 -27.69 35.68 -14.05
N GLN A 104 -28.54 36.65 -14.35
CA GLN A 104 -28.81 37.03 -15.75
C GLN A 104 -27.58 37.43 -16.55
N LYS A 105 -26.62 38.05 -15.89
CA LYS A 105 -25.42 38.48 -16.57
C LYS A 105 -24.56 37.27 -16.94
N PHE A 106 -24.50 36.28 -16.07
CA PHE A 106 -23.85 35.03 -16.44
C PHE A 106 -24.56 34.40 -17.63
N THR A 107 -25.88 34.35 -17.57
CA THR A 107 -26.66 33.70 -18.61
C THR A 107 -26.43 34.33 -19.98
N ASP A 108 -26.35 35.66 -20.01
CA ASP A 108 -26.15 36.38 -21.25
C ASP A 108 -24.73 36.25 -21.77
N MET A 109 -23.76 36.20 -20.85
CA MET A 109 -22.38 36.05 -21.25
C MET A 109 -22.04 34.67 -21.80
N VAL A 110 -22.61 33.62 -21.22
CA VAL A 110 -22.25 32.25 -21.63
C VAL A 110 -23.01 31.77 -22.86
N ALA A 111 -24.13 32.41 -23.16
CA ALA A 111 -24.99 32.02 -24.29
C ALA A 111 -24.28 31.88 -25.65
N THR A 112 -23.60 32.95 -26.09
CA THR A 112 -22.87 32.94 -27.36
C THR A 112 -21.36 32.79 -27.17
N ALA A 113 -20.70 32.08 -28.08
CA ALA A 113 -19.25 31.90 -28.01
C ALA A 113 -18.51 33.25 -28.12
N ASN A 114 -19.20 34.24 -28.69
CA ASN A 114 -18.61 35.58 -28.81
C ASN A 114 -18.61 36.31 -27.48
N ASN A 115 -19.77 36.31 -26.82
CA ASN A 115 -19.87 36.90 -25.48
C ASN A 115 -18.88 36.25 -24.51
N ARG A 116 -18.78 34.92 -24.57
CA ARG A 116 -17.83 34.18 -23.73
C ARG A 116 -16.43 34.67 -23.97
N GLN A 117 -16.11 34.84 -25.25
N GLN A 117 -16.09 34.86 -25.24
CA GLN A 117 -14.81 35.31 -25.69
CA GLN A 117 -14.74 35.30 -25.61
C GLN A 117 -14.47 36.71 -25.14
C GLN A 117 -14.45 36.73 -25.12
N THR A 118 -15.43 37.62 -25.26
CA THR A 118 -15.29 38.97 -24.73
C THR A 118 -14.97 38.92 -23.23
N PHE A 119 -15.64 38.03 -22.50
CA PHE A 119 -15.41 37.91 -21.06
C PHE A 119 -14.02 37.38 -20.77
N VAL A 120 -13.67 36.28 -21.43
CA VAL A 120 -12.41 35.59 -21.16
C VAL A 120 -11.22 36.53 -21.37
N ASN A 121 -11.22 37.24 -22.49
CA ASN A 121 -10.15 38.18 -22.77
C ASN A 121 -10.13 39.31 -21.75
N SER A 122 -11.30 39.91 -21.47
CA SER A 122 -11.39 40.96 -20.45
C SER A 122 -10.86 40.45 -19.12
N ALA A 123 -11.20 39.21 -18.79
CA ALA A 123 -10.79 38.60 -17.52
C ALA A 123 -9.28 38.56 -17.38
N ILE A 124 -8.62 38.02 -18.41
CA ILE A 124 -7.15 37.97 -18.44
C ILE A 124 -6.51 39.39 -18.32
N ARG A 125 -7.05 40.35 -19.05
CA ARG A 125 -6.55 41.72 -19.03
C ARG A 125 -6.68 42.30 -17.62
N PHE A 126 -7.86 42.12 -17.04
CA PHE A 126 -8.20 42.63 -15.73
C PHE A 126 -7.29 42.10 -14.62
N LEU A 127 -7.06 40.79 -14.64
CA LEU A 127 -6.31 40.11 -13.58
C LEU A 127 -4.83 40.45 -13.60
N ARG A 128 -4.26 40.57 -14.81
CA ARG A 128 -2.88 40.98 -14.96
C ARG A 128 -2.74 42.45 -14.59
N LYS A 129 -3.68 43.27 -15.08
CA LYS A 129 -3.68 44.70 -14.80
C LYS A 129 -3.66 44.99 -13.31
N TYR A 130 -4.35 44.16 -12.53
CA TYR A 130 -4.51 44.43 -11.11
C TYR A 130 -3.73 43.48 -10.19
N SER A 131 -2.87 42.65 -10.79
CA SER A 131 -1.95 41.77 -10.06
C SER A 131 -2.62 40.58 -9.35
N PHE A 132 -3.77 40.13 -9.86
CA PHE A 132 -4.40 38.91 -9.34
C PHE A 132 -3.80 37.66 -9.97
N ASP A 133 -3.75 36.57 -9.20
CA ASP A 133 -3.11 35.33 -9.65
C ASP A 133 -4.10 34.32 -10.26
N GLY A 134 -5.38 34.68 -10.26
CA GLY A 134 -6.38 33.79 -10.81
C GLY A 134 -7.80 34.29 -10.65
N LEU A 135 -8.74 33.48 -11.12
CA LEU A 135 -10.16 33.84 -11.07
C LEU A 135 -11.00 32.78 -10.36
N ASP A 136 -11.91 33.22 -9.49
CA ASP A 136 -12.85 32.32 -8.78
C ASP A 136 -14.29 32.56 -9.27
N LEU A 137 -14.91 31.53 -9.84
CA LEU A 137 -16.30 31.64 -10.33
C LEU A 137 -17.31 31.38 -9.21
N ASP A 138 -18.13 32.39 -8.93
N ASP A 138 -18.11 32.37 -8.86
CA ASP A 138 -19.17 32.33 -7.88
CA ASP A 138 -19.19 32.09 -7.90
C ASP A 138 -20.57 32.58 -8.43
C ASP A 138 -20.55 32.52 -8.41
N TRP A 139 -20.92 31.93 -9.54
CA TRP A 139 -22.26 32.01 -10.11
C TRP A 139 -23.23 31.25 -9.19
N GLU A 140 -24.30 31.92 -8.74
CA GLU A 140 -25.28 31.26 -7.87
C GLU A 140 -26.68 31.25 -8.46
N TYR A 141 -27.06 30.24 -9.24
CA TYR A 141 -26.20 29.15 -9.67
C TYR A 141 -26.64 28.86 -11.10
N PRO A 142 -25.74 28.28 -11.91
CA PRO A 142 -26.19 27.85 -13.23
C PRO A 142 -27.31 26.83 -13.12
N GLY A 143 -28.43 27.10 -13.78
CA GLY A 143 -29.54 26.17 -13.81
C GLY A 143 -30.56 26.38 -12.71
N SER A 144 -30.27 27.28 -11.77
CA SER A 144 -31.21 27.59 -10.70
C SER A 144 -31.76 29.01 -10.80
N GLN A 145 -32.80 29.28 -10.03
CA GLN A 145 -33.51 30.55 -10.08
C GLN A 145 -33.91 30.88 -11.51
N GLY A 146 -33.41 32.00 -12.02
CA GLY A 146 -33.74 32.40 -13.38
C GLY A 146 -32.92 31.71 -14.46
N SER A 147 -31.80 31.11 -14.06
CA SER A 147 -30.90 30.45 -15.01
C SER A 147 -31.52 29.22 -15.66
N PRO A 148 -31.56 29.20 -17.00
CA PRO A 148 -32.13 28.08 -17.75
C PRO A 148 -31.33 26.77 -17.66
N ALA A 149 -31.98 25.65 -18.00
CA ALA A 149 -31.36 24.33 -17.98
C ALA A 149 -30.08 24.23 -18.82
N VAL A 150 -30.04 24.94 -19.95
CA VAL A 150 -28.85 24.94 -20.82
C VAL A 150 -27.60 25.58 -20.18
N ASP A 151 -27.80 26.35 -19.12
CA ASP A 151 -26.66 26.99 -18.46
C ASP A 151 -25.76 26.00 -17.74
N LYS A 152 -26.27 24.80 -17.48
CA LYS A 152 -25.45 23.73 -16.91
C LYS A 152 -24.30 23.37 -17.85
N GLU A 153 -24.63 23.10 -19.11
N GLU A 153 -24.61 23.09 -19.11
CA GLU A 153 -23.63 22.70 -20.10
CA GLU A 153 -23.56 22.70 -20.04
C GLU A 153 -22.78 23.91 -20.51
C GLU A 153 -22.76 23.92 -20.49
N ARG A 154 -23.41 25.07 -20.58
CA ARG A 154 -22.73 26.31 -20.95
C ARG A 154 -21.74 26.78 -19.88
N PHE A 155 -21.99 26.41 -18.63
CA PHE A 155 -21.04 26.68 -17.56
C PHE A 155 -19.80 25.82 -17.76
N THR A 156 -20.01 24.55 -18.13
CA THR A 156 -18.89 23.66 -18.46
C THR A 156 -18.04 24.29 -19.56
N THR A 157 -18.72 24.83 -20.57
CA THR A 157 -18.05 25.46 -21.70
C THR A 157 -17.30 26.71 -21.24
N LEU A 158 -17.90 27.46 -20.33
CA LEU A 158 -17.23 28.68 -19.83
C LEU A 158 -15.94 28.27 -19.16
N VAL A 159 -16.02 27.26 -18.30
CA VAL A 159 -14.89 26.81 -17.54
C VAL A 159 -13.79 26.31 -18.44
N GLN A 160 -14.20 25.54 -19.46
CA GLN A 160 -13.28 25.04 -20.46
C GLN A 160 -12.57 26.18 -21.18
N ASP A 161 -13.35 27.15 -21.67
CA ASP A 161 -12.77 28.28 -22.41
C ASP A 161 -11.74 29.01 -21.56
N LEU A 162 -12.10 29.30 -20.32
CA LEU A 162 -11.20 30.03 -19.43
C LEU A 162 -9.92 29.22 -19.20
N ALA A 163 -10.09 27.92 -19.01
CA ALA A 163 -8.95 27.05 -18.79
C ALA A 163 -8.06 27.07 -20.04
N ASN A 164 -8.70 27.02 -21.19
CA ASN A 164 -7.98 27.09 -22.47
C ASN A 164 -7.19 28.39 -22.57
N ALA A 165 -7.90 29.50 -22.60
CA ALA A 165 -7.27 30.82 -22.68
C ALA A 165 -6.26 31.12 -21.57
N PHE A 166 -6.47 30.57 -20.38
CA PHE A 166 -5.47 30.73 -19.32
C PHE A 166 -4.17 30.01 -19.66
N GLN A 167 -4.30 28.81 -20.23
CA GLN A 167 -3.15 28.00 -20.65
C GLN A 167 -2.32 28.67 -21.74
N GLN A 168 -2.99 29.23 -22.74
CA GLN A 168 -2.26 29.85 -23.84
C GLN A 168 -1.62 31.18 -23.44
N GLU A 169 -2.22 31.88 -22.47
CA GLU A 169 -1.65 33.12 -21.98
C GLU A 169 -0.34 32.81 -21.27
N ALA A 170 -0.25 31.66 -20.63
CA ALA A 170 0.93 31.28 -19.86
C ALA A 170 2.12 30.91 -20.74
N GLN A 171 1.85 30.30 -21.90
CA GLN A 171 2.88 30.06 -22.90
C GLN A 171 3.43 31.38 -23.42
N THR A 172 2.51 32.15 -24.02
CA THR A 172 2.79 33.41 -24.68
C THR A 172 3.44 34.48 -23.80
N SER A 173 2.86 34.70 -22.63
CA SER A 173 3.33 35.75 -21.71
C SER A 173 4.59 35.33 -20.97
N GLY A 174 4.78 34.02 -20.80
CA GLY A 174 5.94 33.50 -20.10
C GLY A 174 5.71 33.35 -18.61
N LYS A 175 4.79 34.15 -18.07
CA LYS A 175 4.51 34.13 -16.63
C LYS A 175 3.67 32.93 -16.19
N GLU A 176 3.44 32.81 -14.88
CA GLU A 176 2.67 31.71 -14.32
C GLU A 176 1.22 31.77 -14.76
N ARG A 177 0.68 30.59 -15.08
CA ARG A 177 -0.72 30.48 -15.52
C ARG A 177 -1.66 30.97 -14.44
N LEU A 178 -2.66 31.76 -14.85
CA LEU A 178 -3.71 32.21 -13.95
C LEU A 178 -4.45 31.01 -13.39
N LEU A 179 -4.70 31.01 -12.08
CA LEU A 179 -5.44 29.92 -11.43
C LEU A 179 -6.93 30.04 -11.77
N LEU A 180 -7.65 28.92 -11.75
CA LEU A 180 -9.10 28.98 -11.96
C LEU A 180 -9.77 28.13 -10.89
N SER A 181 -10.61 28.74 -10.07
CA SER A 181 -11.34 27.99 -9.05
C SER A 181 -12.82 28.32 -9.17
N ALA A 182 -13.62 27.65 -8.36
CA ALA A 182 -15.06 27.88 -8.38
C ALA A 182 -15.62 27.56 -7.01
N ALA A 183 -16.63 28.34 -6.61
CA ALA A 183 -17.33 28.12 -5.36
C ALA A 183 -18.61 27.40 -5.71
N VAL A 184 -18.79 26.22 -5.12
CA VAL A 184 -19.83 25.31 -5.59
C VAL A 184 -20.76 24.90 -4.44
N PRO A 185 -22.05 24.76 -4.75
CA PRO A 185 -23.09 24.50 -3.76
C PRO A 185 -23.08 23.05 -3.26
N ALA A 186 -23.60 22.85 -2.05
CA ALA A 186 -23.59 21.56 -1.37
C ALA A 186 -24.89 20.80 -1.59
N GLY A 187 -25.95 21.54 -1.96
CA GLY A 187 -27.26 20.94 -2.17
C GLY A 187 -27.39 20.23 -3.50
N GLN A 188 -27.88 18.99 -3.43
CA GLN A 188 -28.00 18.15 -4.63
C GLN A 188 -28.86 18.78 -5.73
N THR A 189 -29.87 19.55 -5.33
CA THR A 189 -30.76 20.18 -6.29
C THR A 189 -29.97 21.17 -7.17
N TYR A 190 -29.12 21.97 -6.54
CA TYR A 190 -28.28 22.91 -7.27
C TYR A 190 -27.18 22.23 -8.07
N VAL A 191 -26.53 21.23 -7.46
CA VAL A 191 -25.47 20.49 -8.12
C VAL A 191 -25.98 19.80 -9.37
N ASP A 192 -27.10 19.11 -9.24
CA ASP A 192 -27.70 18.44 -10.40
C ASP A 192 -28.12 19.40 -11.51
N ALA A 193 -28.49 20.60 -11.15
CA ALA A 193 -29.09 21.53 -12.12
C ALA A 193 -28.03 22.32 -12.89
N GLY A 194 -26.81 22.39 -12.37
CA GLY A 194 -25.84 23.28 -12.97
C GLY A 194 -24.43 22.79 -13.14
N TYR A 195 -24.10 21.66 -12.54
CA TYR A 195 -22.70 21.24 -12.48
C TYR A 195 -22.44 19.86 -13.06
N GLU A 196 -21.76 19.83 -14.19
CA GLU A 196 -21.16 18.60 -14.71
C GLU A 196 -19.83 18.40 -13.99
N VAL A 197 -19.90 17.74 -12.85
CA VAL A 197 -18.80 17.70 -11.88
C VAL A 197 -17.49 17.13 -12.40
N ASP A 198 -17.59 15.96 -13.03
CA ASP A 198 -16.44 15.30 -13.64
C ASP A 198 -15.74 16.21 -14.66
N LYS A 199 -16.51 16.85 -15.53
CA LYS A 199 -15.92 17.71 -16.55
C LYS A 199 -15.23 18.93 -15.90
N ILE A 200 -15.99 19.73 -15.18
CA ILE A 200 -15.44 21.00 -14.69
C ILE A 200 -14.24 20.76 -13.79
N ALA A 201 -14.27 19.67 -13.03
CA ALA A 201 -13.19 19.38 -12.08
C ALA A 201 -11.84 19.14 -12.74
N GLN A 202 -11.84 18.68 -13.99
CA GLN A 202 -10.57 18.48 -14.68
C GLN A 202 -9.90 19.82 -15.01
N ASN A 203 -10.71 20.84 -15.24
CA ASN A 203 -10.23 22.18 -15.58
C ASN A 203 -9.98 23.15 -14.44
N LEU A 204 -10.64 22.94 -13.32
CA LEU A 204 -10.51 23.85 -12.20
C LEU A 204 -9.27 23.46 -11.40
N ASP A 205 -8.45 24.44 -11.02
CA ASP A 205 -7.30 24.15 -10.18
C ASP A 205 -7.74 23.65 -8.81
N PHE A 206 -8.79 24.26 -8.26
CA PHE A 206 -9.41 23.75 -7.05
C PHE A 206 -10.89 24.11 -6.98
N VAL A 207 -11.61 23.42 -6.10
CA VAL A 207 -13.06 23.47 -6.06
C VAL A 207 -13.50 23.83 -4.65
N ASN A 208 -13.99 25.05 -4.47
CA ASN A 208 -14.35 25.55 -3.16
C ASN A 208 -15.79 25.16 -2.78
N LEU A 209 -15.94 24.10 -2.00
CA LEU A 209 -17.26 23.59 -1.62
C LEU A 209 -17.91 24.46 -0.53
N MET A 210 -19.07 25.04 -0.84
CA MET A 210 -19.75 25.91 0.10
C MET A 210 -20.53 25.06 1.09
N ALA A 211 -19.82 24.35 1.96
CA ALA A 211 -20.49 23.44 2.89
C ALA A 211 -21.08 24.18 4.10
N TYR A 212 -22.08 25.02 3.83
CA TYR A 212 -22.80 25.77 4.87
C TYR A 212 -24.12 26.23 4.27
N ASP A 213 -24.90 27.00 5.05
CA ASP A 213 -26.29 27.33 4.65
C ASP A 213 -27.11 26.08 4.40
N PHE A 214 -26.88 25.04 5.18
CA PHE A 214 -27.65 23.80 5.05
C PHE A 214 -29.04 23.96 5.63
N HIS A 215 -29.16 24.79 6.67
CA HIS A 215 -30.42 25.05 7.34
C HIS A 215 -30.41 26.50 7.71
N GLY A 216 -31.59 27.12 7.81
CA GLY A 216 -31.68 28.53 8.19
C GLY A 216 -33.14 28.95 8.32
N SER A 217 -33.38 30.24 8.50
CA SER A 217 -34.70 30.71 8.85
C SER A 217 -35.71 30.71 7.70
N TRP A 218 -35.30 30.18 6.55
CA TRP A 218 -36.29 29.89 5.52
C TRP A 218 -37.12 28.68 5.92
N GLU A 219 -36.56 27.83 6.77
CA GLU A 219 -37.28 26.64 7.25
C GLU A 219 -38.06 26.97 8.53
N LYS A 220 -39.04 26.14 8.86
CA LYS A 220 -39.96 26.40 9.98
C LYS A 220 -39.45 25.93 11.35
N VAL A 221 -38.31 25.23 11.35
CA VAL A 221 -37.78 24.59 12.56
C VAL A 221 -36.30 24.91 12.65
N THR A 222 -35.75 24.88 13.87
CA THR A 222 -34.32 25.15 14.04
C THR A 222 -33.49 24.07 13.38
N GLY A 223 -32.39 24.49 12.75
CA GLY A 223 -31.46 23.57 12.09
C GLY A 223 -30.08 24.18 12.06
N HIS A 224 -29.04 23.36 12.02
CA HIS A 224 -27.69 23.94 12.03
C HIS A 224 -27.23 24.39 10.66
N ASN A 225 -26.58 25.53 10.62
CA ASN A 225 -26.03 26.10 9.39
C ASN A 225 -25.05 25.16 8.67
N SER A 226 -24.26 24.44 9.45
CA SER A 226 -23.17 23.64 8.89
C SER A 226 -22.84 22.38 9.70
N PRO A 227 -23.80 21.45 9.80
CA PRO A 227 -23.58 20.21 10.55
C PRO A 227 -22.66 19.22 9.82
N LEU A 228 -21.80 18.53 10.57
CA LEU A 228 -20.87 17.57 9.96
C LEU A 228 -21.59 16.33 9.47
N TYR A 229 -22.47 15.76 10.28
CA TYR A 229 -23.18 14.54 9.86
C TYR A 229 -24.69 14.75 9.95
N LYS A 230 -25.45 13.83 9.37
CA LYS A 230 -26.92 13.84 9.51
C LYS A 230 -27.31 13.58 10.99
N ARG A 231 -28.52 13.99 11.38
CA ARG A 231 -29.06 13.57 12.67
C ARG A 231 -29.76 12.25 12.45
N GLN A 232 -29.79 11.42 13.49
CA GLN A 232 -30.36 10.07 13.41
C GLN A 232 -31.79 10.07 12.90
N GLU A 233 -32.54 11.11 13.27
CA GLU A 233 -33.96 11.20 12.97
C GLU A 233 -34.29 11.77 11.59
N GLU A 234 -33.29 12.29 10.88
CA GLU A 234 -33.53 12.83 9.55
C GLU A 234 -33.74 11.71 8.55
N SER A 235 -34.49 11.98 7.50
CA SER A 235 -34.69 11.02 6.43
C SER A 235 -34.87 11.82 5.16
N GLY A 236 -35.18 11.14 4.05
CA GLY A 236 -35.34 11.78 2.76
C GLY A 236 -34.18 12.68 2.38
N ALA A 237 -34.47 13.72 1.60
CA ALA A 237 -33.46 14.66 1.16
C ALA A 237 -32.69 15.27 2.34
N ALA A 238 -33.37 15.45 3.47
CA ALA A 238 -32.75 16.12 4.63
C ALA A 238 -31.50 15.38 5.12
N ALA A 239 -31.47 14.07 4.90
CA ALA A 239 -30.35 13.25 5.30
C ALA A 239 -29.03 13.57 4.60
N SER A 240 -29.10 14.35 3.51
CA SER A 240 -27.89 14.78 2.81
C SER A 240 -27.53 16.23 3.04
N LEU A 241 -28.31 16.91 3.85
CA LEU A 241 -28.01 18.31 4.19
C LEU A 241 -26.99 18.40 5.32
N ASN A 242 -25.76 17.97 5.03
CA ASN A 242 -24.68 18.00 6.00
C ASN A 242 -23.34 17.90 5.29
N VAL A 243 -22.27 18.30 5.98
CA VAL A 243 -20.96 18.39 5.37
C VAL A 243 -20.47 17.08 4.78
N ASP A 244 -20.63 16.00 5.52
CA ASP A 244 -20.10 14.70 5.07
C ASP A 244 -20.78 14.23 3.78
N ALA A 245 -22.10 14.32 3.73
CA ALA A 245 -22.84 13.97 2.52
C ALA A 245 -22.48 14.84 1.33
N ALA A 246 -22.25 16.13 1.58
CA ALA A 246 -21.90 17.06 0.50
C ALA A 246 -20.54 16.73 -0.06
N VAL A 247 -19.61 16.40 0.84
CA VAL A 247 -18.27 16.01 0.41
C VAL A 247 -18.34 14.74 -0.46
N GLN A 248 -19.00 13.70 0.04
CA GLN A 248 -19.14 12.44 -0.70
C GLN A 248 -19.82 12.67 -2.03
N GLN A 249 -20.80 13.57 -2.04
CA GLN A 249 -21.45 13.93 -3.29
C GLN A 249 -20.41 14.44 -4.30
N TRP A 250 -19.61 15.43 -3.92
CA TRP A 250 -18.64 15.96 -4.87
C TRP A 250 -17.55 14.94 -5.25
N LEU A 251 -17.16 14.09 -4.31
CA LEU A 251 -16.20 13.03 -4.62
C LEU A 251 -16.77 12.00 -5.61
N GLN A 252 -17.94 11.47 -5.30
CA GLN A 252 -18.56 10.43 -6.12
C GLN A 252 -18.88 10.88 -7.53
N LYS A 253 -19.09 12.17 -7.69
CA LYS A 253 -19.49 12.72 -8.97
C LYS A 253 -18.30 13.14 -9.81
N GLY A 254 -17.10 12.98 -9.27
CA GLY A 254 -15.90 13.09 -10.07
C GLY A 254 -14.82 14.06 -9.66
N THR A 255 -14.95 14.72 -8.51
CA THR A 255 -13.90 15.63 -8.06
C THR A 255 -12.77 14.87 -7.36
N PRO A 256 -11.54 15.03 -7.87
CA PRO A 256 -10.37 14.47 -7.15
C PRO A 256 -10.30 15.05 -5.74
N ALA A 257 -10.04 14.21 -4.72
CA ALA A 257 -10.03 14.68 -3.34
C ALA A 257 -9.08 15.86 -3.17
N SER A 258 -7.94 15.79 -3.87
CA SER A 258 -6.88 16.76 -3.73
C SER A 258 -7.31 18.16 -4.19
N LYS A 259 -8.36 18.21 -4.99
CA LYS A 259 -8.88 19.47 -5.52
C LYS A 259 -10.08 20.01 -4.76
N LEU A 260 -10.66 19.17 -3.90
CA LEU A 260 -11.86 19.54 -3.13
C LEU A 260 -11.46 20.28 -1.86
N ILE A 261 -11.84 21.54 -1.79
CA ILE A 261 -11.51 22.38 -0.63
C ILE A 261 -12.78 22.55 0.19
N LEU A 262 -12.72 22.15 1.46
CA LEU A 262 -13.90 22.13 2.31
C LEU A 262 -14.16 23.52 2.90
N GLY A 263 -15.26 24.15 2.49
CA GLY A 263 -15.65 25.43 3.05
C GLY A 263 -16.11 25.34 4.49
N MET A 264 -15.77 26.34 5.29
CA MET A 264 -16.18 26.46 6.68
C MET A 264 -16.78 27.85 6.86
N PRO A 265 -17.85 27.97 7.68
CA PRO A 265 -18.37 29.33 7.87
C PRO A 265 -17.94 29.95 9.19
N THR A 266 -17.55 31.22 9.18
CA THR A 266 -17.30 31.94 10.43
C THR A 266 -18.50 32.79 10.85
N TYR A 267 -19.67 32.36 10.39
CA TYR A 267 -20.95 32.93 10.78
C TYR A 267 -21.85 31.77 11.17
N GLY A 268 -22.93 32.08 11.89
CA GLY A 268 -23.93 31.09 12.23
C GLY A 268 -25.26 31.58 11.68
N ARG A 269 -26.29 30.74 11.74
CA ARG A 269 -27.64 31.13 11.31
C ARG A 269 -28.64 31.07 12.45
N SER A 270 -29.53 32.07 12.51
CA SER A 270 -30.29 32.37 13.72
C SER A 270 -31.79 32.26 13.51
N PHE A 271 -32.49 31.85 14.55
CA PHE A 271 -33.94 31.70 14.49
C PHE A 271 -34.61 32.47 15.61
N THR A 272 -35.84 32.93 15.37
CA THR A 272 -36.71 33.29 16.49
C THR A 272 -37.58 32.07 16.78
N LEU A 273 -37.50 31.59 18.02
CA LEU A 273 -38.25 30.42 18.43
C LEU A 273 -39.72 30.74 18.60
N ALA A 274 -40.58 29.75 18.40
CA ALA A 274 -42.00 29.91 18.69
C ALA A 274 -42.16 30.09 20.19
N SER A 275 -41.33 29.38 20.95
CA SER A 275 -41.44 29.37 22.40
C SER A 275 -40.07 29.20 23.04
N SER A 276 -39.75 30.05 24.02
CA SER A 276 -38.48 30.00 24.72
C SER A 276 -38.30 28.70 25.54
N SER A 277 -39.39 27.96 25.69
CA SER A 277 -39.34 26.67 26.40
C SER A 277 -38.96 25.49 25.51
N ASP A 278 -38.90 25.69 24.19
CA ASP A 278 -38.53 24.58 23.31
C ASP A 278 -37.35 25.04 22.45
N THR A 279 -36.16 24.60 22.84
CA THR A 279 -34.92 25.10 22.26
C THR A 279 -34.14 24.01 21.53
N ARG A 280 -34.78 22.87 21.30
CA ARG A 280 -34.10 21.75 20.63
C ARG A 280 -33.81 22.06 19.17
N VAL A 281 -32.79 21.39 18.60
CA VAL A 281 -32.70 21.25 17.15
C VAL A 281 -34.03 20.66 16.69
N GLY A 282 -34.71 21.35 15.78
CA GLY A 282 -35.99 20.89 15.25
C GLY A 282 -37.19 21.58 15.86
N ALA A 283 -36.96 22.39 16.89
CA ALA A 283 -38.00 23.17 17.54
C ALA A 283 -38.64 24.17 16.59
N PRO A 284 -39.95 24.40 16.76
CA PRO A 284 -40.67 25.35 15.92
C PRO A 284 -40.03 26.75 15.97
N ALA A 285 -39.91 27.38 14.81
CA ALA A 285 -39.37 28.74 14.75
C ALA A 285 -40.32 29.62 13.96
N THR A 286 -40.43 30.87 14.35
CA THR A 286 -41.40 31.75 13.72
C THR A 286 -40.76 32.65 12.68
N GLY A 287 -39.45 32.57 12.54
CA GLY A 287 -38.73 33.37 11.56
C GLY A 287 -37.27 33.57 11.90
N SER A 288 -36.62 34.50 11.23
CA SER A 288 -35.22 34.76 11.47
C SER A 288 -34.98 35.31 12.87
N GLY A 289 -33.77 35.08 13.38
CA GLY A 289 -33.39 35.64 14.66
C GLY A 289 -33.12 37.11 14.47
N THR A 290 -33.07 37.83 15.59
CA THR A 290 -32.77 39.26 15.61
C THR A 290 -31.47 39.60 14.91
N PRO A 291 -31.48 40.64 14.06
CA PRO A 291 -30.25 41.05 13.36
C PRO A 291 -29.14 41.34 14.36
N GLY A 292 -27.92 41.01 13.97
CA GLY A 292 -26.77 41.31 14.82
C GLY A 292 -26.49 42.80 14.80
N PRO A 293 -25.80 43.29 15.84
CA PRO A 293 -25.53 44.73 15.98
C PRO A 293 -24.63 45.25 14.87
N PHE A 294 -23.89 44.35 14.22
CA PHE A 294 -22.91 44.77 13.22
C PHE A 294 -23.24 44.31 11.82
N THR A 295 -23.66 43.05 11.68
CA THR A 295 -23.92 42.47 10.37
C THR A 295 -25.29 42.90 9.87
N LYS A 296 -26.19 43.18 10.81
CA LYS A 296 -27.51 43.73 10.50
C LYS A 296 -28.23 42.95 9.42
N GLU A 297 -28.24 41.63 9.55
CA GLU A 297 -28.92 40.78 8.57
C GLU A 297 -29.59 39.67 9.36
N GLY A 298 -30.91 39.76 9.54
CA GLY A 298 -31.66 38.80 10.32
C GLY A 298 -31.54 37.43 9.69
N GLY A 299 -31.30 36.42 10.51
CA GLY A 299 -31.06 35.08 9.98
C GLY A 299 -29.60 34.69 10.10
N MET A 300 -28.71 35.65 10.25
CA MET A 300 -27.28 35.33 10.44
C MET A 300 -26.57 36.18 11.49
N LEU A 301 -25.43 35.70 11.95
CA LEU A 301 -24.64 36.41 12.93
C LEU A 301 -23.20 36.05 12.66
N ALA A 302 -22.32 37.03 12.70
CA ALA A 302 -20.89 36.73 12.65
C ALA A 302 -20.48 35.98 13.91
N TYR A 303 -19.37 35.26 13.84
CA TYR A 303 -18.85 34.58 15.01
C TYR A 303 -18.60 35.57 16.15
N TYR A 304 -18.09 36.75 15.82
CA TYR A 304 -17.83 37.76 16.86
C TYR A 304 -19.10 38.27 17.52
N GLU A 305 -20.23 38.15 16.81
CA GLU A 305 -21.50 38.52 17.42
C GLU A 305 -22.06 37.40 18.31
N VAL A 306 -21.72 36.15 18.01
CA VAL A 306 -22.26 35.05 18.83
C VAL A 306 -21.33 34.60 19.95
N CYS A 307 -20.02 34.66 19.73
CA CYS A 307 -19.05 34.03 20.66
C CYS A 307 -19.12 34.54 22.09
N SER A 308 -19.55 35.79 22.26
CA SER A 308 -19.59 36.38 23.60
C SER A 308 -21.00 36.81 24.00
N TRP A 309 -22.01 36.07 23.55
CA TRP A 309 -23.38 36.26 24.03
C TRP A 309 -23.38 36.07 25.53
N LYS A 310 -23.94 37.01 26.29
CA LYS A 310 -23.93 36.86 27.73
C LYS A 310 -25.22 36.21 28.21
N GLY A 311 -25.11 35.37 29.22
CA GLY A 311 -26.29 34.77 29.84
C GLY A 311 -27.04 33.84 28.90
N ALA A 312 -26.31 33.23 27.98
CA ALA A 312 -26.93 32.31 27.05
C ALA A 312 -26.59 30.87 27.45
N THR A 313 -27.15 29.92 26.72
CA THR A 313 -26.87 28.51 27.00
C THR A 313 -26.35 27.85 25.75
N LYS A 314 -25.08 27.42 25.76
CA LYS A 314 -24.48 26.76 24.61
C LYS A 314 -24.57 25.23 24.76
N GLN A 315 -24.83 24.54 23.66
CA GLN A 315 -24.91 23.08 23.69
C GLN A 315 -24.33 22.57 22.37
N ARG A 316 -23.91 21.31 22.36
CA ARG A 316 -23.44 20.70 21.13
C ARG A 316 -24.44 19.67 20.64
N ILE A 317 -24.62 19.61 19.32
CA ILE A 317 -25.45 18.58 18.71
C ILE A 317 -24.61 17.35 18.55
N GLN A 318 -24.95 16.31 19.30
CA GLN A 318 -24.11 15.13 19.43
C GLN A 318 -23.81 14.42 18.11
N ASP A 319 -24.83 14.19 17.29
CA ASP A 319 -24.61 13.48 16.03
C ASP A 319 -23.87 14.34 14.99
N GLN A 320 -24.02 15.67 15.11
CA GLN A 320 -23.58 16.59 14.04
C GLN A 320 -22.29 17.32 14.37
N LYS A 321 -21.85 17.17 15.62
CA LYS A 321 -20.55 17.66 16.08
C LYS A 321 -20.37 19.17 15.97
N VAL A 322 -21.48 19.91 15.99
CA VAL A 322 -21.41 21.36 15.96
C VAL A 322 -22.28 21.92 17.08
N PRO A 323 -21.95 23.13 17.57
CA PRO A 323 -22.71 23.71 18.68
C PRO A 323 -23.89 24.57 18.23
N TYR A 324 -24.80 24.82 19.14
CA TYR A 324 -25.77 25.90 18.99
C TYR A 324 -25.87 26.65 20.31
N ILE A 325 -26.41 27.85 20.26
CA ILE A 325 -26.57 28.61 21.49
C ILE A 325 -27.98 29.21 21.51
N PHE A 326 -28.59 29.32 22.70
CA PHE A 326 -29.88 30.00 22.78
C PHE A 326 -30.02 30.87 24.02
N ARG A 327 -30.92 31.84 23.94
CA ARG A 327 -31.15 32.79 25.04
C ARG A 327 -32.52 33.41 24.80
N ASP A 328 -33.43 33.26 25.76
CA ASP A 328 -34.83 33.63 25.57
C ASP A 328 -35.39 32.96 24.30
N ASN A 329 -35.93 33.74 23.38
CA ASN A 329 -36.49 33.16 22.15
C ASN A 329 -35.54 33.19 20.93
N GLN A 330 -34.24 33.26 21.20
CA GLN A 330 -33.24 33.37 20.13
C GLN A 330 -32.34 32.14 20.14
N TRP A 331 -32.14 31.53 18.97
CA TRP A 331 -31.43 30.26 18.85
C TRP A 331 -30.50 30.40 17.65
N VAL A 332 -29.22 30.09 17.83
CA VAL A 332 -28.27 30.19 16.72
C VAL A 332 -27.43 28.95 16.62
N GLY A 333 -27.30 28.41 15.41
CA GLY A 333 -26.33 27.36 15.15
C GLY A 333 -25.10 27.96 14.52
N PHE A 334 -23.92 27.61 15.02
CA PHE A 334 -22.71 28.26 14.53
C PHE A 334 -21.51 27.33 14.65
N ASP A 335 -20.35 27.84 14.26
CA ASP A 335 -19.14 27.03 14.34
C ASP A 335 -18.19 27.63 15.35
N ASP A 336 -17.53 26.76 16.11
CA ASP A 336 -16.59 27.25 17.11
C ASP A 336 -15.22 26.64 16.88
N VAL A 337 -14.30 26.88 17.80
CA VAL A 337 -12.95 26.35 17.68
C VAL A 337 -12.96 24.83 17.68
N GLU A 338 -13.79 24.23 18.53
CA GLU A 338 -13.88 22.78 18.59
C GLU A 338 -14.41 22.18 17.28
N SER A 339 -15.46 22.77 16.70
CA SER A 339 -16.03 22.25 15.46
C SER A 339 -15.12 22.45 14.24
N PHE A 340 -14.39 23.56 14.19
CA PHE A 340 -13.40 23.72 13.12
C PHE A 340 -12.31 22.65 13.22
N LYS A 341 -11.87 22.34 14.44
CA LYS A 341 -10.89 21.25 14.62
C LYS A 341 -11.45 19.91 14.14
N THR A 342 -12.70 19.63 14.51
CA THR A 342 -13.38 18.40 14.10
C THR A 342 -13.49 18.32 12.57
N LYS A 343 -13.76 19.46 11.94
CA LYS A 343 -13.93 19.48 10.49
C LYS A 343 -12.61 19.32 9.74
N VAL A 344 -11.52 19.80 10.33
CA VAL A 344 -10.21 19.63 9.71
C VAL A 344 -9.72 18.18 9.82
N SER A 345 -10.01 17.55 10.97
CA SER A 345 -9.70 16.13 11.14
C SER A 345 -10.40 15.31 10.06
N TYR A 346 -11.70 15.52 9.90
CA TYR A 346 -12.49 14.89 8.85
C TYR A 346 -11.88 15.12 7.48
N LEU A 347 -11.56 16.36 7.21
CA LEU A 347 -10.99 16.80 5.96
C LEU A 347 -9.74 16.01 5.60
N LYS A 348 -8.84 15.92 6.55
CA LYS A 348 -7.60 15.21 6.35
C LYS A 348 -7.84 13.70 6.26
N GLN A 349 -8.79 13.21 7.04
CA GLN A 349 -9.19 11.81 7.00
C GLN A 349 -9.74 11.43 5.63
N LYS A 350 -10.24 12.41 4.89
CA LYS A 350 -10.81 12.14 3.57
C LYS A 350 -9.87 12.53 2.43
N GLY A 351 -8.68 13.01 2.80
CA GLY A 351 -7.69 13.40 1.80
C GLY A 351 -8.03 14.63 0.99
N LEU A 352 -8.79 15.57 1.57
CA LEU A 352 -9.19 16.77 0.82
C LEU A 352 -8.02 17.73 0.69
N GLY A 353 -8.08 18.60 -0.31
CA GLY A 353 -6.99 19.52 -0.60
C GLY A 353 -6.80 20.65 0.40
N GLY A 354 -7.73 20.79 1.34
CA GLY A 354 -7.59 21.78 2.40
C GLY A 354 -8.93 22.36 2.84
N ALA A 355 -8.87 23.56 3.41
CA ALA A 355 -10.05 24.27 3.92
C ALA A 355 -10.27 25.60 3.22
N MET A 356 -11.55 25.95 3.02
CA MET A 356 -11.92 27.29 2.56
C MET A 356 -12.75 27.93 3.66
N VAL A 357 -12.67 29.26 3.80
CA VAL A 357 -13.44 29.95 4.84
C VAL A 357 -14.20 31.19 4.35
N TRP A 358 -15.49 31.21 4.62
CA TRP A 358 -16.28 32.41 4.42
C TRP A 358 -16.69 32.92 5.81
N ALA A 359 -16.13 34.04 6.27
CA ALA A 359 -15.22 34.89 5.51
C ALA A 359 -14.29 35.56 6.53
N LEU A 360 -13.27 36.27 6.05
CA LEU A 360 -12.30 36.86 6.98
C LEU A 360 -12.94 37.81 7.95
N ASP A 361 -13.87 38.64 7.47
CA ASP A 361 -14.42 39.72 8.27
C ASP A 361 -15.51 39.24 9.25
N LEU A 362 -15.81 37.95 9.23
CA LEU A 362 -16.83 37.40 10.13
C LEU A 362 -16.22 36.63 11.27
N ASP A 363 -14.94 36.27 11.13
CA ASP A 363 -14.17 35.75 12.25
C ASP A 363 -13.87 36.95 13.17
N ASP A 364 -13.40 36.70 14.38
CA ASP A 364 -13.04 37.85 15.24
C ASP A 364 -11.66 38.34 14.82
N PHE A 365 -11.59 38.90 13.62
CA PHE A 365 -10.33 39.31 13.01
C PHE A 365 -9.53 40.30 13.86
N ALA A 366 -10.21 41.06 14.72
CA ALA A 366 -9.56 42.09 15.51
C ALA A 366 -9.42 41.73 16.98
N GLY A 367 -9.83 40.52 17.35
CA GLY A 367 -9.71 40.06 18.73
C GLY A 367 -10.46 40.89 19.77
N PHE A 368 -11.51 41.59 19.35
CA PHE A 368 -12.22 42.52 20.22
C PHE A 368 -13.39 41.90 20.98
N SER A 369 -13.76 40.67 20.64
CA SER A 369 -15.02 40.14 21.14
C SER A 369 -14.91 38.81 21.89
N CYS A 370 -14.14 37.87 21.35
CA CYS A 370 -14.19 36.50 21.83
C CYS A 370 -13.11 36.14 22.85
N ASN A 371 -12.17 37.05 23.10
CA ASN A 371 -11.12 36.82 24.09
C ASN A 371 -10.31 35.59 23.68
N GLN A 372 -10.09 35.45 22.37
CA GLN A 372 -9.39 34.30 21.82
C GLN A 372 -8.30 34.76 20.87
N GLY A 373 -7.95 36.04 20.95
CA GLY A 373 -6.94 36.60 20.06
C GLY A 373 -7.54 36.98 18.72
N ARG A 374 -6.69 37.33 17.75
CA ARG A 374 -7.18 37.72 16.43
C ARG A 374 -7.36 36.46 15.58
N TYR A 375 -8.40 36.45 14.76
CA TYR A 375 -8.70 35.33 13.87
C TYR A 375 -8.68 33.97 14.58
N PRO A 376 -9.42 33.84 15.69
CA PRO A 376 -9.30 32.56 16.41
C PRO A 376 -9.79 31.37 15.60
N LEU A 377 -10.88 31.53 14.86
CA LEU A 377 -11.36 30.43 13.99
C LEU A 377 -10.38 30.11 12.87
N ILE A 378 -9.95 31.13 12.12
CA ILE A 378 -9.10 30.89 10.96
C ILE A 378 -7.71 30.43 11.37
N GLN A 379 -7.20 30.92 12.49
CA GLN A 379 -5.93 30.43 13.05
C GLN A 379 -6.03 28.95 13.40
N THR A 380 -7.18 28.55 13.91
CA THR A 380 -7.43 27.15 14.25
C THR A 380 -7.24 26.28 13.01
N LEU A 381 -7.80 26.73 11.89
CA LEU A 381 -7.67 26.01 10.62
C LEU A 381 -6.22 25.95 10.22
N ARG A 382 -5.54 27.09 10.32
CA ARG A 382 -4.13 27.18 9.94
C ARG A 382 -3.29 26.16 10.73
N GLN A 383 -3.40 26.22 12.05
CA GLN A 383 -2.68 25.30 12.94
C GLN A 383 -2.99 23.84 12.62
N GLU A 384 -4.28 23.50 12.61
CA GLU A 384 -4.70 22.11 12.43
C GLU A 384 -4.35 21.55 11.05
N LEU A 385 -4.27 22.42 10.05
CA LEU A 385 -3.90 22.01 8.70
C LEU A 385 -2.40 21.65 8.61
N SER A 386 -1.62 22.17 9.55
CA SER A 386 -0.20 21.83 9.64
C SER A 386 0.04 20.76 10.70
N LEU A 387 -1.02 20.01 11.00
CA LEU A 387 -1.00 18.86 11.91
C LEU A 387 -0.76 19.20 13.39
N GLN A 416 1.09 11.52 -19.23
CA GLN A 416 0.22 10.57 -18.55
C GLN A 416 -0.88 10.11 -19.48
N ASP A 417 -1.59 9.04 -19.08
CA ASP A 417 -2.50 8.24 -19.90
C ASP A 417 -1.70 7.22 -20.74
N THR A 418 -0.40 7.46 -20.83
CA THR A 418 0.52 6.56 -21.52
C THR A 418 1.65 6.10 -20.59
N PHE A 419 1.83 6.81 -19.47
CA PHE A 419 2.92 6.50 -18.54
C PHE A 419 2.87 5.06 -18.01
N CYS A 420 1.68 4.61 -17.62
CA CYS A 420 1.54 3.34 -16.92
C CYS A 420 1.62 2.11 -17.83
N GLN A 421 1.87 2.34 -19.12
CA GLN A 421 2.09 1.22 -20.04
C GLN A 421 3.45 1.33 -20.71
N GLY A 422 4.12 0.19 -20.89
CA GLY A 422 3.67 -1.07 -20.33
C GLY A 422 4.34 -1.33 -18.99
N LYS A 423 4.00 -0.52 -17.99
CA LYS A 423 4.49 -0.73 -16.62
C LYS A 423 3.75 -1.89 -15.99
N ALA A 424 4.32 -2.47 -14.95
CA ALA A 424 3.61 -3.47 -14.17
C ALA A 424 2.78 -2.72 -13.13
N ASP A 425 1.77 -3.39 -12.58
CA ASP A 425 0.97 -2.80 -11.52
C ASP A 425 1.85 -2.44 -10.34
N GLY A 426 1.75 -1.19 -9.87
CA GLY A 426 2.51 -0.77 -8.71
C GLY A 426 2.41 0.73 -8.50
N LEU A 427 3.22 1.25 -7.59
CA LEU A 427 3.20 2.68 -7.27
C LEU A 427 4.46 3.35 -7.78
N TYR A 428 4.31 4.59 -8.22
CA TYR A 428 5.40 5.38 -8.78
C TYR A 428 5.31 6.80 -8.20
N PRO A 429 6.44 7.53 -8.16
CA PRO A 429 6.38 8.85 -7.53
C PRO A 429 5.83 9.91 -8.47
N ASN A 430 5.38 11.02 -7.90
CA ASN A 430 4.98 12.18 -8.68
C ASN A 430 6.16 13.15 -8.79
N PRO A 431 6.87 13.13 -9.94
CA PRO A 431 8.10 13.91 -10.15
C PRO A 431 7.94 15.39 -9.80
N ARG A 432 6.72 15.90 -9.90
CA ARG A 432 6.41 17.28 -9.57
C ARG A 432 5.99 17.43 -8.09
N GLU A 433 5.82 16.31 -7.39
CA GLU A 433 5.25 16.38 -6.05
C GLU A 433 5.64 15.27 -5.04
N ARG A 434 5.93 15.69 -3.82
CA ARG A 434 6.45 14.81 -2.78
C ARG A 434 5.36 14.01 -2.05
N SER A 435 4.18 14.59 -1.91
CA SER A 435 3.13 13.97 -1.11
C SER A 435 2.03 13.38 -1.99
N SER A 436 2.39 13.12 -3.25
CA SER A 436 1.51 12.46 -4.21
C SER A 436 2.26 11.33 -4.87
N PHE A 437 1.54 10.49 -5.60
CA PHE A 437 2.15 9.36 -6.29
C PHE A 437 1.24 8.81 -7.38
N TYR A 438 1.80 7.97 -8.25
CA TYR A 438 1.05 7.40 -9.36
C TYR A 438 0.89 5.89 -9.17
N SER A 439 -0.33 5.39 -9.31
CA SER A 439 -0.53 3.95 -9.27
C SER A 439 -0.90 3.47 -10.66
N CYS A 440 -0.17 2.45 -11.14
CA CYS A 440 -0.49 1.83 -12.41
C CYS A 440 -1.29 0.56 -12.17
N ALA A 441 -2.44 0.48 -12.84
CA ALA A 441 -3.30 -0.70 -12.75
C ALA A 441 -3.70 -1.11 -14.16
N ALA A 442 -3.13 -2.23 -14.63
CA ALA A 442 -3.35 -2.73 -15.98
C ALA A 442 -3.16 -1.66 -17.06
N GLY A 443 -2.02 -0.97 -17.03
CA GLY A 443 -1.70 0.05 -18.03
C GLY A 443 -2.32 1.42 -17.78
N ARG A 444 -3.27 1.47 -16.84
CA ARG A 444 -4.04 2.68 -16.57
C ARG A 444 -3.52 3.48 -15.38
N LEU A 445 -3.32 4.78 -15.58
CA LEU A 445 -2.80 5.66 -14.54
C LEU A 445 -3.86 6.20 -13.59
N PHE A 446 -3.54 6.20 -12.30
CA PHE A 446 -4.34 6.85 -11.27
C PHE A 446 -3.43 7.78 -10.46
N GLN A 447 -3.96 8.93 -10.04
CA GLN A 447 -3.19 9.83 -9.19
C GLN A 447 -3.76 9.82 -7.79
N GLN A 448 -2.89 9.58 -6.81
CA GLN A 448 -3.32 9.52 -5.42
C GLN A 448 -2.45 10.47 -4.61
N SER A 449 -2.95 10.86 -3.45
CA SER A 449 -2.14 11.68 -2.54
C SER A 449 -1.76 10.87 -1.30
N CYS A 450 -0.65 11.24 -0.68
CA CYS A 450 -0.26 10.68 0.60
C CYS A 450 -1.10 11.31 1.71
N PRO A 451 -1.22 10.62 2.86
CA PRO A 451 -1.83 11.26 4.03
C PRO A 451 -1.10 12.55 4.39
N THR A 452 -1.78 13.49 5.04
CA THR A 452 -1.16 14.78 5.41
C THR A 452 0.06 14.56 6.31
N GLY A 453 1.18 15.16 5.93
CA GLY A 453 2.40 15.04 6.71
C GLY A 453 3.20 13.78 6.41
N LEU A 454 2.90 13.15 5.28
CA LEU A 454 3.65 11.98 4.82
C LEU A 454 4.12 12.22 3.40
N VAL A 455 5.25 11.64 3.05
CA VAL A 455 5.86 11.82 1.73
C VAL A 455 6.05 10.46 1.05
N PHE A 456 6.06 10.44 -0.28
CA PHE A 456 6.24 9.18 -1.01
C PHE A 456 7.71 8.81 -1.15
N SER A 457 8.07 7.61 -0.70
CA SER A 457 9.42 7.09 -0.87
C SER A 457 9.42 5.84 -1.73
N ASN A 458 10.25 5.83 -2.77
CA ASN A 458 10.31 4.70 -3.67
C ASN A 458 10.92 3.48 -2.98
N SER A 459 11.60 3.69 -1.85
CA SER A 459 12.25 2.60 -1.14
C SER A 459 11.26 1.65 -0.48
N CYS A 460 10.08 2.15 -0.13
CA CYS A 460 9.06 1.31 0.50
C CYS A 460 7.82 1.24 -0.37
N LYS A 461 7.87 1.95 -1.50
CA LYS A 461 6.72 2.09 -2.39
C LYS A 461 5.48 2.49 -1.58
N CYS A 462 5.66 3.46 -0.69
CA CYS A 462 4.63 3.84 0.27
C CYS A 462 4.77 5.30 0.71
N CYS A 463 3.76 5.80 1.40
CA CYS A 463 3.86 7.11 2.02
C CYS A 463 4.42 6.93 3.43
N THR A 464 5.44 7.70 3.78
CA THR A 464 6.06 7.57 5.10
C THR A 464 6.61 8.90 5.65
N TRP A 465 7.37 8.81 6.73
CA TRP A 465 7.97 9.98 7.33
C TRP A 465 9.16 10.49 6.53
N ASN A 466 9.30 11.80 6.42
CA ASN A 466 10.47 12.38 5.80
C ASN A 466 11.71 11.99 6.59
N LEU A 467 12.88 12.08 5.96
CA LEU A 467 14.12 11.69 6.62
C LEU A 467 14.44 12.60 7.81
N VAL A 468 15.00 12.02 8.85
CA VAL A 468 15.25 12.73 10.10
C VAL A 468 16.59 13.49 10.06
N PRO A 469 16.64 14.70 10.64
CA PRO A 469 17.95 15.35 10.66
C PRO A 469 18.86 14.77 11.75
N ARG A 470 20.14 15.16 11.68
CA ARG A 470 21.18 14.65 12.56
C ARG A 470 21.95 15.81 13.20
N GLY A 471 21.27 16.60 14.03
CA GLY A 471 21.88 17.77 14.62
C GLY A 471 22.29 18.80 13.58
N SER A 472 21.33 19.26 12.78
CA SER A 472 21.63 20.22 11.72
C SER A 472 21.39 21.67 12.16
N LEU A 473 21.50 22.61 11.23
CA LEU A 473 21.32 24.03 11.56
C LEU A 473 19.84 24.36 11.80
N ALA B 22 2.18 -37.59 -3.05
CA ALA B 22 1.53 -37.34 -1.76
C ALA B 22 2.10 -36.09 -1.08
N LYS B 23 3.29 -36.23 -0.49
CA LYS B 23 4.02 -35.08 0.03
C LYS B 23 4.95 -34.54 -1.06
N LEU B 24 5.03 -33.22 -1.19
CA LEU B 24 6.07 -32.61 -2.01
C LEU B 24 6.79 -31.61 -1.11
N VAL B 25 8.00 -31.96 -0.68
CA VAL B 25 8.73 -31.19 0.32
C VAL B 25 9.85 -30.43 -0.37
N CYS B 26 9.82 -29.10 -0.28
CA CYS B 26 10.78 -28.26 -1.03
C CYS B 26 11.67 -27.42 -0.11
N TYR B 27 12.98 -27.45 -0.36
CA TYR B 27 13.91 -26.66 0.44
C TYR B 27 14.10 -25.24 -0.12
N PHE B 28 13.97 -24.25 0.76
CA PHE B 28 14.31 -22.85 0.49
C PHE B 28 15.66 -22.63 1.13
N THR B 29 16.56 -21.91 0.46
CA THR B 29 17.87 -21.65 1.06
C THR B 29 18.06 -20.16 1.35
N ASN B 30 18.49 -19.82 2.56
CA ASN B 30 18.52 -18.42 2.97
C ASN B 30 19.71 -17.60 2.47
N TRP B 31 20.47 -18.17 1.54
CA TRP B 31 21.63 -17.46 1.00
C TRP B 31 21.48 -17.23 -0.49
N ALA B 32 20.38 -17.73 -1.06
CA ALA B 32 20.09 -17.58 -2.47
C ALA B 32 19.74 -16.13 -2.79
N GLN B 33 19.41 -15.39 -1.73
CA GLN B 33 19.11 -13.96 -1.83
C GLN B 33 20.32 -13.15 -2.31
N TYR B 34 21.51 -13.74 -2.24
CA TYR B 34 22.73 -13.05 -2.63
C TYR B 34 23.18 -13.41 -4.04
N ARG B 35 22.45 -14.27 -4.73
CA ARG B 35 22.84 -14.58 -6.10
C ARG B 35 22.61 -13.37 -6.98
N GLN B 36 23.35 -13.32 -8.09
CA GLN B 36 23.36 -12.14 -8.96
C GLN B 36 22.22 -12.18 -9.98
N GLY B 37 21.70 -11.01 -10.31
CA GLY B 37 20.77 -10.86 -11.42
C GLY B 37 19.54 -11.73 -11.34
N GLU B 38 19.21 -12.34 -12.48
CA GLU B 38 18.05 -13.22 -12.59
C GLU B 38 18.05 -14.35 -11.55
N ALA B 39 19.22 -14.71 -11.04
CA ALA B 39 19.32 -15.85 -10.11
C ALA B 39 18.94 -15.53 -8.67
N ARG B 40 18.83 -14.25 -8.35
N ARG B 40 18.82 -14.25 -8.35
CA ARG B 40 18.48 -13.85 -6.98
CA ARG B 40 18.47 -13.85 -6.98
C ARG B 40 17.12 -14.40 -6.57
C ARG B 40 17.11 -14.39 -6.58
N PHE B 41 17.08 -15.15 -5.48
CA PHE B 41 15.85 -15.73 -5.00
C PHE B 41 15.39 -15.17 -3.68
N LEU B 42 14.15 -14.70 -3.67
CA LEU B 42 13.49 -14.21 -2.45
C LEU B 42 12.16 -14.93 -2.26
N PRO B 43 11.61 -14.90 -1.03
CA PRO B 43 10.33 -15.59 -0.82
C PRO B 43 9.23 -15.09 -1.76
N LYS B 44 9.36 -13.87 -2.27
CA LYS B 44 8.49 -13.38 -3.34
C LYS B 44 8.53 -14.28 -4.59
N ASP B 45 9.60 -15.06 -4.73
CA ASP B 45 9.70 -16.03 -5.83
C ASP B 45 9.15 -17.40 -5.40
N LEU B 46 8.67 -17.50 -4.17
CA LEU B 46 8.03 -18.73 -3.71
C LEU B 46 6.59 -18.83 -4.23
N ASP B 47 6.25 -19.96 -4.83
CA ASP B 47 4.88 -20.27 -5.20
C ASP B 47 4.27 -21.05 -4.03
N PRO B 48 3.33 -20.42 -3.31
CA PRO B 48 2.78 -21.06 -2.10
C PRO B 48 1.92 -22.28 -2.42
N SER B 49 1.57 -22.49 -3.70
CA SER B 49 0.77 -23.63 -4.13
C SER B 49 1.58 -24.74 -4.79
N LEU B 50 2.88 -24.51 -4.95
CA LEU B 50 3.74 -25.45 -5.68
C LEU B 50 3.98 -26.74 -4.91
N CYS B 51 4.31 -26.60 -3.63
CA CYS B 51 4.70 -27.71 -2.79
C CYS B 51 3.68 -27.94 -1.69
N THR B 52 3.81 -29.03 -0.95
CA THR B 52 2.93 -29.25 0.20
C THR B 52 3.64 -28.84 1.48
N HIS B 53 4.96 -29.05 1.50
CA HIS B 53 5.79 -28.69 2.65
C HIS B 53 6.98 -27.83 2.23
N LEU B 54 7.19 -26.71 2.91
CA LEU B 54 8.37 -25.88 2.66
C LEU B 54 9.35 -26.00 3.82
N ILE B 55 10.62 -26.26 3.52
CA ILE B 55 11.62 -26.30 4.58
C ILE B 55 12.64 -25.18 4.38
N TYR B 56 12.90 -24.44 5.44
CA TYR B 56 13.77 -23.26 5.39
C TYR B 56 15.18 -23.69 5.80
N ALA B 57 16.16 -23.65 4.89
CA ALA B 57 17.55 -23.96 5.23
C ALA B 57 18.39 -22.67 5.39
N PHE B 58 19.11 -22.48 6.51
CA PHE B 58 19.13 -23.35 7.70
C PHE B 58 19.04 -22.45 8.93
N ALA B 59 18.63 -23.03 10.06
CA ALA B 59 18.86 -22.40 11.36
C ALA B 59 20.19 -22.90 11.88
N GLY B 60 20.66 -22.31 12.97
CA GLY B 60 21.93 -22.72 13.56
C GLY B 60 21.72 -22.96 15.04
N MET B 61 22.80 -22.98 15.81
CA MET B 61 22.71 -23.23 17.25
C MET B 61 23.66 -22.33 18.03
N THR B 62 23.13 -21.72 19.09
CA THR B 62 23.93 -20.86 19.97
C THR B 62 23.64 -21.23 21.41
N ASN B 63 24.67 -21.71 22.11
CA ASN B 63 24.53 -22.20 23.49
C ASN B 63 23.43 -23.24 23.65
N HIS B 64 23.44 -24.21 22.74
CA HIS B 64 22.48 -25.32 22.71
C HIS B 64 21.07 -24.85 22.42
N GLN B 65 20.91 -23.62 21.97
CA GLN B 65 19.58 -23.12 21.62
C GLN B 65 19.43 -22.79 20.14
N LEU B 66 18.23 -22.95 19.61
CA LEU B 66 17.98 -22.71 18.21
C LEU B 66 18.23 -21.24 17.89
N SER B 67 18.79 -20.92 16.74
CA SER B 67 19.04 -19.50 16.44
C SER B 67 19.19 -19.24 14.95
N THR B 68 19.02 -17.97 14.56
CA THR B 68 19.14 -17.60 13.16
C THR B 68 20.55 -17.75 12.65
N THR B 69 20.71 -17.74 11.31
CA THR B 69 22.03 -17.81 10.72
C THR B 69 22.33 -16.58 9.85
N GLU B 70 21.29 -15.94 9.28
CA GLU B 70 21.47 -14.75 8.43
C GLU B 70 20.94 -13.50 9.11
N TRP B 71 21.57 -12.35 8.83
CA TRP B 71 21.27 -11.08 9.51
C TRP B 71 19.80 -10.69 9.36
N ASN B 72 19.18 -11.14 8.27
CA ASN B 72 17.77 -10.81 8.01
C ASN B 72 16.82 -12.02 8.05
N ASP B 73 17.23 -13.11 8.67
CA ASP B 73 16.33 -14.27 8.80
C ASP B 73 14.93 -13.91 9.32
N GLU B 74 14.84 -13.07 10.35
CA GLU B 74 13.54 -12.72 10.93
C GLU B 74 12.61 -12.04 9.93
N THR B 75 13.19 -11.20 9.06
CA THR B 75 12.47 -10.63 7.94
C THR B 75 11.98 -11.72 6.97
N LEU B 76 12.86 -12.65 6.64
CA LEU B 76 12.49 -13.74 5.74
C LEU B 76 11.48 -14.76 6.35
N TYR B 77 11.59 -15.07 7.64
CA TYR B 77 10.60 -15.94 8.31
C TYR B 77 9.19 -15.40 8.08
N GLN B 78 9.04 -14.08 8.19
CA GLN B 78 7.71 -13.49 8.04
C GLN B 78 7.15 -13.65 6.65
N GLU B 79 7.98 -13.38 5.65
CA GLU B 79 7.58 -13.56 4.26
C GLU B 79 7.29 -15.05 3.99
N PHE B 80 8.15 -15.90 4.55
CA PHE B 80 8.10 -17.34 4.32
C PHE B 80 6.82 -17.95 4.86
N ASN B 81 6.63 -17.89 6.18
CA ASN B 81 5.44 -18.46 6.81
C ASN B 81 4.16 -17.69 6.45
N GLY B 82 4.31 -16.43 6.04
CA GLY B 82 3.18 -15.66 5.58
C GLY B 82 2.59 -16.17 4.27
N LEU B 83 3.29 -17.09 3.61
CA LEU B 83 2.76 -17.73 2.40
C LEU B 83 1.50 -18.54 2.71
N LYS B 84 1.42 -19.03 3.95
CA LYS B 84 0.30 -19.86 4.42
C LYS B 84 -1.05 -19.11 4.44
N LYS B 85 -1.03 -17.81 4.21
CA LYS B 85 -2.27 -17.05 4.11
C LYS B 85 -2.82 -17.13 2.70
N MET B 86 -1.96 -17.58 1.78
CA MET B 86 -2.32 -17.78 0.38
C MET B 86 -2.62 -19.25 0.12
N ASN B 87 -2.07 -20.12 0.97
CA ASN B 87 -2.38 -21.55 0.97
C ASN B 87 -2.31 -22.04 2.41
N PRO B 88 -3.45 -22.04 3.10
CA PRO B 88 -3.56 -22.47 4.50
C PRO B 88 -3.21 -23.96 4.71
N LYS B 89 -3.25 -24.73 3.63
CA LYS B 89 -2.86 -26.14 3.68
C LYS B 89 -1.35 -26.31 3.85
N LEU B 90 -0.61 -25.33 3.34
CA LEU B 90 0.85 -25.38 3.35
C LEU B 90 1.44 -25.48 4.75
N LYS B 91 2.41 -26.36 4.92
CA LYS B 91 3.10 -26.50 6.20
C LYS B 91 4.56 -26.14 6.01
N THR B 92 5.13 -25.41 6.96
CA THR B 92 6.52 -24.99 6.83
C THR B 92 7.33 -25.63 7.94
N LEU B 93 8.60 -25.90 7.67
CA LEU B 93 9.48 -26.34 8.74
C LEU B 93 10.77 -25.57 8.64
N LEU B 94 11.54 -25.62 9.72
CA LEU B 94 12.84 -24.97 9.77
C LEU B 94 13.90 -26.02 9.92
N ALA B 95 14.90 -26.01 9.07
CA ALA B 95 15.95 -27.02 9.16
C ALA B 95 17.15 -26.51 9.93
N ILE B 96 17.68 -27.32 10.83
CA ILE B 96 18.88 -26.95 11.56
C ILE B 96 20.07 -27.79 11.08
N GLY B 97 21.24 -27.16 10.97
CA GLY B 97 22.45 -27.86 10.59
C GLY B 97 22.92 -27.52 9.18
N GLY B 98 23.13 -28.54 8.35
CA GLY B 98 23.70 -28.35 7.04
C GLY B 98 25.21 -28.51 7.05
N TRP B 99 25.84 -28.30 5.89
CA TRP B 99 27.27 -28.59 5.74
C TRP B 99 28.20 -27.59 6.41
N ASN B 100 27.70 -26.41 6.71
CA ASN B 100 28.54 -25.35 7.24
C ASN B 100 28.46 -25.22 8.76
N PHE B 101 27.70 -26.11 9.37
CA PHE B 101 27.40 -26.04 10.78
C PHE B 101 28.53 -26.61 11.64
N GLY B 102 28.63 -26.13 12.88
CA GLY B 102 29.66 -26.54 13.81
C GLY B 102 29.84 -28.04 13.99
N THR B 103 28.72 -28.75 14.09
CA THR B 103 28.71 -30.23 14.16
C THR B 103 29.33 -30.77 15.45
N GLN B 104 30.33 -30.06 15.96
CA GLN B 104 30.75 -30.23 17.33
C GLN B 104 29.62 -29.74 18.21
N LYS B 105 28.81 -28.82 17.67
CA LYS B 105 27.67 -28.26 18.40
C LYS B 105 26.56 -29.28 18.61
N PHE B 106 26.34 -30.12 17.61
CA PHE B 106 25.38 -31.21 17.75
C PHE B 106 25.86 -32.16 18.81
N THR B 107 27.13 -32.56 18.72
CA THR B 107 27.74 -33.49 19.66
C THR B 107 27.64 -32.99 21.11
N ASP B 108 27.84 -31.73 21.24
CA ASP B 108 27.78 -31.14 22.58
C ASP B 108 26.34 -31.00 23.06
N MET B 109 25.43 -30.64 22.19
CA MET B 109 24.07 -30.57 22.62
C MET B 109 23.49 -31.90 23.04
N VAL B 110 23.72 -32.96 22.28
CA VAL B 110 23.12 -34.27 22.60
C VAL B 110 23.82 -35.01 23.75
N ALA B 111 25.00 -34.53 24.12
CA ALA B 111 25.80 -35.16 25.15
C ALA B 111 25.07 -35.37 26.51
N THR B 112 24.37 -34.35 26.99
CA THR B 112 23.69 -34.44 28.29
C THR B 112 22.18 -34.28 28.17
N ALA B 113 21.43 -34.85 29.12
CA ALA B 113 19.97 -34.73 29.11
C ALA B 113 19.56 -33.27 29.28
N ASN B 114 20.37 -32.51 30.04
CA ASN B 114 20.10 -31.10 30.28
C ASN B 114 20.23 -30.29 29.00
N ASN B 115 21.36 -30.46 28.31
CA ASN B 115 21.53 -29.75 27.05
C ASN B 115 20.44 -30.07 26.02
N ARG B 116 20.05 -31.34 25.92
CA ARG B 116 18.93 -31.71 25.05
C ARG B 116 17.62 -31.05 25.47
N GLN B 117 17.38 -30.95 26.78
CA GLN B 117 16.21 -30.22 27.28
C GLN B 117 16.27 -28.76 26.85
N THR B 118 17.44 -28.17 26.97
CA THR B 118 17.61 -26.75 26.61
C THR B 118 17.25 -26.59 25.14
N PHE B 119 17.83 -27.42 24.29
CA PHE B 119 17.57 -27.33 22.85
C PHE B 119 16.11 -27.53 22.56
N VAL B 120 15.58 -28.66 23.04
CA VAL B 120 14.21 -29.01 22.77
C VAL B 120 13.22 -27.91 23.18
N ASN B 121 13.43 -27.32 24.34
CA ASN B 121 12.56 -26.23 24.76
C ASN B 121 12.78 -24.98 23.93
N SER B 122 14.04 -24.65 23.66
CA SER B 122 14.35 -23.51 22.79
C SER B 122 13.67 -23.65 21.45
N ALA B 123 13.61 -24.89 20.94
CA ALA B 123 13.08 -25.15 19.61
C ALA B 123 11.58 -24.89 19.54
N ILE B 124 10.84 -25.46 20.49
CA ILE B 124 9.40 -25.27 20.55
C ILE B 124 9.03 -23.78 20.56
N ARG B 125 9.76 -23.00 21.36
CA ARG B 125 9.47 -21.57 21.53
C ARG B 125 9.81 -20.81 20.24
N PHE B 126 11.02 -21.05 19.74
CA PHE B 126 11.49 -20.45 18.49
C PHE B 126 10.49 -20.68 17.35
N LEU B 127 10.07 -21.93 17.15
CA LEU B 127 9.18 -22.27 16.03
C LEU B 127 7.79 -21.65 16.18
N ARG B 128 7.30 -21.58 17.42
CA ARG B 128 6.03 -20.90 17.69
C ARG B 128 6.16 -19.40 17.50
N LYS B 129 7.23 -18.80 18.01
CA LYS B 129 7.46 -17.36 17.87
C LYS B 129 7.43 -16.91 16.40
N TYR B 130 8.04 -17.71 15.53
CA TYR B 130 8.15 -17.34 14.13
C TYR B 130 7.14 -18.03 13.23
N SER B 131 6.30 -18.86 13.84
CA SER B 131 5.18 -19.49 13.15
C SER B 131 5.63 -20.55 12.11
N PHE B 132 6.55 -21.41 12.53
CA PHE B 132 6.92 -22.59 11.75
C PHE B 132 6.10 -23.78 12.24
N ASP B 133 5.75 -24.68 11.31
CA ASP B 133 4.95 -25.86 11.67
C ASP B 133 5.76 -27.08 12.12
N GLY B 134 7.08 -26.96 12.13
CA GLY B 134 7.92 -28.07 12.57
C GLY B 134 9.40 -27.86 12.40
N LEU B 135 10.16 -28.90 12.72
CA LEU B 135 11.62 -28.86 12.73
C LEU B 135 12.24 -29.99 11.88
N ASP B 136 13.13 -29.63 10.97
CA ASP B 136 13.87 -30.63 10.17
C ASP B 136 15.32 -30.72 10.68
N LEU B 137 15.77 -31.93 10.99
CA LEU B 137 17.15 -32.11 11.47
C LEU B 137 18.10 -32.49 10.33
N ASP B 138 19.05 -31.60 10.06
N ASP B 138 19.02 -31.59 10.00
CA ASP B 138 20.04 -31.78 8.99
CA ASP B 138 20.03 -31.86 8.97
C ASP B 138 21.45 -31.84 9.54
C ASP B 138 21.43 -31.83 9.55
N TRP B 139 21.65 -32.71 10.53
CA TRP B 139 22.96 -32.90 11.12
C TRP B 139 23.76 -33.69 10.11
N GLU B 140 24.86 -33.11 9.61
CA GLU B 140 25.71 -33.82 8.66
C GLU B 140 27.08 -34.12 9.29
N TYR B 141 27.29 -35.30 9.88
CA TYR B 141 26.29 -36.33 10.13
C TYR B 141 26.67 -36.97 11.47
N PRO B 142 25.66 -37.39 12.25
CA PRO B 142 26.01 -38.07 13.51
C PRO B 142 26.87 -39.30 13.24
N GLY B 143 28.00 -39.42 13.93
CA GLY B 143 28.86 -40.58 13.77
C GLY B 143 29.97 -40.44 12.73
N SER B 144 29.90 -39.39 11.92
CA SER B 144 30.91 -39.20 10.89
C SER B 144 31.40 -37.78 10.95
N GLN B 145 32.58 -37.55 10.36
CA GLN B 145 33.12 -36.20 10.16
C GLN B 145 33.30 -35.39 11.46
N GLY B 146 34.03 -35.96 12.41
CA GLY B 146 34.21 -35.34 13.69
C GLY B 146 33.34 -35.95 14.77
N SER B 147 32.07 -36.19 14.45
CA SER B 147 31.14 -36.78 15.40
C SER B 147 31.56 -38.21 15.77
N PRO B 148 31.63 -38.50 17.07
CA PRO B 148 32.05 -39.84 17.55
C PRO B 148 30.93 -40.85 17.57
N ALA B 149 31.30 -42.13 17.58
CA ALA B 149 30.36 -43.26 17.55
C ALA B 149 29.16 -43.14 18.49
N VAL B 150 29.41 -42.70 19.72
CA VAL B 150 28.35 -42.58 20.71
C VAL B 150 27.20 -41.65 20.26
N ASP B 151 27.48 -40.79 19.28
CA ASP B 151 26.46 -39.88 18.77
C ASP B 151 25.33 -40.55 17.97
N LYS B 152 25.60 -41.76 17.47
CA LYS B 152 24.56 -42.52 16.76
C LYS B 152 23.34 -42.76 17.67
N GLU B 153 23.60 -43.15 18.91
CA GLU B 153 22.51 -43.38 19.87
C GLU B 153 21.95 -42.09 20.47
N ARG B 154 22.83 -41.12 20.68
CA ARG B 154 22.38 -39.82 21.20
C ARG B 154 21.44 -39.13 20.21
N PHE B 155 21.61 -39.43 18.93
CA PHE B 155 20.76 -38.86 17.90
C PHE B 155 19.37 -39.47 18.01
N THR B 156 19.32 -40.79 18.19
CA THR B 156 18.06 -41.47 18.46
C THR B 156 17.35 -40.85 19.67
N THR B 157 18.11 -40.60 20.73
CA THR B 157 17.54 -40.02 21.94
C THR B 157 17.02 -38.63 21.62
N LEU B 158 17.78 -37.87 20.83
CA LEU B 158 17.38 -36.50 20.48
C LEU B 158 16.06 -36.51 19.72
N VAL B 159 15.96 -37.37 18.70
CA VAL B 159 14.75 -37.49 17.90
C VAL B 159 13.57 -37.82 18.80
N GLN B 160 13.80 -38.77 19.69
CA GLN B 160 12.80 -39.16 20.68
C GLN B 160 12.46 -38.00 21.62
N ASP B 161 13.49 -37.33 22.16
CA ASP B 161 13.24 -36.16 23.03
C ASP B 161 12.30 -35.15 22.36
N LEU B 162 12.52 -34.89 21.07
CA LEU B 162 11.71 -33.92 20.34
C LEU B 162 10.29 -34.38 20.09
N ALA B 163 10.13 -35.59 19.53
CA ALA B 163 8.79 -36.12 19.27
C ALA B 163 7.96 -36.10 20.58
N ASN B 164 8.58 -36.53 21.67
CA ASN B 164 7.89 -36.53 22.96
C ASN B 164 7.44 -35.11 23.34
N ALA B 165 8.38 -34.18 23.41
CA ALA B 165 8.05 -32.81 23.78
C ALA B 165 7.09 -32.14 22.78
N PHE B 166 7.15 -32.57 21.51
CA PHE B 166 6.22 -32.03 20.51
C PHE B 166 4.83 -32.58 20.77
N GLN B 167 4.79 -33.87 21.11
CA GLN B 167 3.56 -34.52 21.51
C GLN B 167 2.96 -33.79 22.72
N GLN B 168 3.79 -33.61 23.75
CA GLN B 168 3.40 -32.88 24.96
C GLN B 168 2.82 -31.50 24.68
N GLU B 169 3.59 -30.66 23.99
CA GLU B 169 3.22 -29.26 23.76
C GLU B 169 1.86 -29.13 23.06
N ALA B 170 1.53 -30.14 22.26
CA ALA B 170 0.22 -30.19 21.61
C ALA B 170 -0.89 -30.40 22.64
N GLN B 171 -0.57 -31.14 23.70
CA GLN B 171 -1.53 -31.42 24.76
C GLN B 171 -1.75 -30.22 25.70
N THR B 172 -0.71 -29.43 25.87
CA THR B 172 -0.72 -28.26 26.75
C THR B 172 -1.38 -27.04 26.09
N SER B 173 -1.07 -26.83 24.81
CA SER B 173 -1.87 -25.92 23.99
C SER B 173 -2.99 -26.77 23.40
N GLY B 174 -3.65 -26.22 22.39
CA GLY B 174 -4.61 -26.97 21.60
C GLY B 174 -4.24 -26.82 20.14
N LYS B 175 -3.02 -26.35 19.91
CA LYS B 175 -2.49 -26.16 18.57
C LYS B 175 -2.10 -27.48 17.94
N GLU B 176 -2.04 -27.49 16.61
CA GLU B 176 -1.62 -28.68 15.88
C GLU B 176 -0.15 -29.00 16.16
N ARG B 177 0.10 -30.23 16.60
CA ARG B 177 1.43 -30.69 17.01
C ARG B 177 2.54 -30.34 16.01
N LEU B 178 3.70 -29.96 16.51
CA LEU B 178 4.83 -29.63 15.66
C LEU B 178 5.37 -30.87 14.92
N LEU B 179 5.59 -30.72 13.61
CA LEU B 179 6.15 -31.82 12.82
C LEU B 179 7.65 -31.98 13.07
N LEU B 180 8.14 -33.20 12.88
CA LEU B 180 9.57 -33.47 13.07
C LEU B 180 10.05 -34.33 11.91
N SER B 181 10.99 -33.82 11.12
CA SER B 181 11.59 -34.61 10.03
C SER B 181 13.11 -34.61 10.13
N ALA B 182 13.77 -35.36 9.27
CA ALA B 182 15.23 -35.30 9.22
C ALA B 182 15.70 -35.52 7.80
N ALA B 183 16.76 -34.82 7.41
CA ALA B 183 17.41 -35.04 6.13
C ALA B 183 18.50 -36.08 6.34
N VAL B 184 18.42 -37.20 5.63
CA VAL B 184 19.26 -38.36 5.93
C VAL B 184 20.10 -38.79 4.72
N PRO B 185 21.32 -39.28 4.98
CA PRO B 185 22.26 -39.60 3.90
C PRO B 185 21.91 -40.92 3.19
N ALA B 186 22.31 -41.03 1.93
CA ALA B 186 22.03 -42.24 1.13
C ALA B 186 23.17 -43.27 1.18
N GLY B 187 24.37 -42.81 1.52
CA GLY B 187 25.53 -43.68 1.56
C GLY B 187 25.58 -44.53 2.81
N GLN B 188 25.77 -45.84 2.62
CA GLN B 188 25.75 -46.80 3.72
C GLN B 188 26.72 -46.46 4.86
N THR B 189 27.92 -45.99 4.55
CA THR B 189 28.89 -45.71 5.59
C THR B 189 28.37 -44.65 6.57
N TYR B 190 27.67 -43.63 6.04
CA TYR B 190 27.09 -42.61 6.91
C TYR B 190 25.87 -43.14 7.65
N VAL B 191 25.04 -43.89 6.93
CA VAL B 191 23.84 -44.50 7.52
C VAL B 191 24.21 -45.38 8.72
N ASP B 192 25.16 -46.29 8.52
CA ASP B 192 25.54 -47.23 9.56
C ASP B 192 26.22 -46.55 10.74
N ALA B 193 26.91 -45.45 10.47
CA ALA B 193 27.71 -44.75 11.48
C ALA B 193 26.91 -43.94 12.49
N GLY B 194 25.68 -43.55 12.14
CA GLY B 194 24.94 -42.66 13.01
C GLY B 194 23.42 -42.75 13.00
N TYR B 195 22.86 -43.63 12.18
CA TYR B 195 21.40 -43.70 12.10
C TYR B 195 20.82 -45.08 12.45
N GLU B 196 20.27 -45.20 13.65
CA GLU B 196 19.48 -46.39 14.00
C GLU B 196 18.13 -46.31 13.32
N VAL B 197 18.09 -46.73 12.04
CA VAL B 197 16.93 -46.50 11.16
C VAL B 197 15.55 -46.89 11.72
N ASP B 198 15.41 -48.13 12.17
CA ASP B 198 14.12 -48.56 12.72
C ASP B 198 13.65 -47.71 13.91
N LYS B 199 14.57 -47.36 14.81
CA LYS B 199 14.18 -46.56 15.99
C LYS B 199 13.74 -45.13 15.67
N ILE B 200 14.54 -44.41 14.87
CA ILE B 200 14.23 -43.00 14.60
C ILE B 200 13.01 -42.86 13.70
N ALA B 201 12.79 -43.87 12.86
CA ALA B 201 11.66 -43.82 11.93
C ALA B 201 10.30 -43.77 12.64
N GLN B 202 10.24 -44.37 13.82
CA GLN B 202 9.01 -44.41 14.60
C GLN B 202 8.62 -43.02 15.09
N ASN B 203 9.61 -42.18 15.34
CA ASN B 203 9.39 -40.86 15.94
C ASN B 203 9.42 -39.69 14.99
N LEU B 204 9.93 -39.91 13.78
CA LEU B 204 9.94 -38.88 12.74
C LEU B 204 8.64 -38.94 11.95
N ASP B 205 8.09 -37.78 11.63
CA ASP B 205 6.87 -37.75 10.85
C ASP B 205 7.14 -38.11 9.40
N PHE B 206 8.28 -37.66 8.90
CA PHE B 206 8.74 -38.03 7.57
C PHE B 206 10.27 -38.00 7.43
N VAL B 207 10.78 -38.79 6.48
CA VAL B 207 12.23 -38.99 6.28
C VAL B 207 12.64 -38.48 4.90
N ASN B 208 13.40 -37.38 4.88
CA ASN B 208 13.85 -36.75 3.65
C ASN B 208 15.18 -37.37 3.23
N LEU B 209 15.12 -38.37 2.34
CA LEU B 209 16.31 -39.08 1.91
C LEU B 209 17.07 -38.24 0.88
N MET B 210 18.32 -37.90 1.20
CA MET B 210 19.13 -37.08 0.31
C MET B 210 19.73 -37.93 -0.81
N ALA B 211 18.90 -38.26 -1.79
CA ALA B 211 19.26 -39.25 -2.78
C ALA B 211 19.94 -38.59 -3.96
N TYR B 212 21.08 -37.98 -3.65
CA TYR B 212 21.90 -37.29 -4.62
C TYR B 212 23.30 -37.16 -4.05
N ASP B 213 24.16 -36.40 -4.73
CA ASP B 213 25.58 -36.33 -4.37
C ASP B 213 26.25 -37.72 -4.30
N PHE B 214 25.77 -38.64 -5.13
CA PHE B 214 26.36 -39.97 -5.23
C PHE B 214 27.75 -39.97 -5.83
N HIS B 215 27.93 -39.13 -6.84
CA HIS B 215 29.21 -38.98 -7.50
C HIS B 215 29.41 -37.50 -7.76
N GLY B 216 30.66 -37.07 -7.84
CA GLY B 216 30.96 -35.70 -8.25
C GLY B 216 32.44 -35.42 -8.32
N SER B 217 32.78 -34.14 -8.39
CA SER B 217 34.15 -33.68 -8.62
C SER B 217 35.17 -34.11 -7.57
N TRP B 218 34.74 -34.78 -6.51
CA TRP B 218 35.73 -35.32 -5.57
C TRP B 218 36.32 -36.61 -6.11
N GLU B 219 35.70 -37.15 -7.17
CA GLU B 219 36.17 -38.37 -7.82
C GLU B 219 37.03 -38.08 -9.04
N LYS B 220 37.82 -39.07 -9.47
CA LYS B 220 38.78 -38.90 -10.55
C LYS B 220 38.26 -39.36 -11.91
N VAL B 221 37.03 -39.87 -11.93
CA VAL B 221 36.35 -40.18 -13.17
C VAL B 221 34.96 -39.60 -13.11
N THR B 222 34.36 -39.34 -14.27
CA THR B 222 32.99 -38.84 -14.28
C THR B 222 32.01 -39.86 -13.72
N GLY B 223 30.98 -39.36 -13.06
CA GLY B 223 29.90 -40.18 -12.51
C GLY B 223 28.70 -39.27 -12.34
N HIS B 224 27.50 -39.85 -12.31
CA HIS B 224 26.31 -39.00 -12.21
C HIS B 224 25.94 -38.65 -10.77
N ASN B 225 25.51 -37.40 -10.55
CA ASN B 225 25.03 -36.89 -9.24
C ASN B 225 23.95 -37.74 -8.57
N SER B 226 23.07 -38.32 -9.39
CA SER B 226 21.82 -38.91 -8.90
C SER B 226 21.24 -39.98 -9.84
N PRO B 227 21.99 -41.05 -10.05
CA PRO B 227 21.53 -42.10 -10.97
C PRO B 227 20.51 -43.00 -10.31
N LEU B 228 19.54 -43.49 -11.05
CA LEU B 228 18.47 -44.27 -10.44
C LEU B 228 18.92 -45.70 -10.18
N TYR B 229 19.61 -46.30 -11.16
CA TYR B 229 20.16 -47.65 -10.98
C TYR B 229 21.67 -47.64 -11.13
N LYS B 230 22.28 -48.76 -10.78
CA LYS B 230 23.72 -48.96 -10.96
C LYS B 230 24.02 -49.09 -12.44
N ARG B 231 25.29 -48.98 -12.82
CA ARG B 231 25.74 -49.33 -14.17
C ARG B 231 26.10 -50.79 -14.15
N GLN B 232 26.15 -51.43 -15.31
CA GLN B 232 26.55 -52.84 -15.42
C GLN B 232 28.00 -53.11 -15.00
N GLU B 233 28.87 -52.12 -15.21
CA GLU B 233 30.27 -52.27 -14.83
C GLU B 233 30.55 -51.92 -13.37
N GLU B 234 29.51 -51.70 -12.57
CA GLU B 234 29.74 -51.39 -11.16
C GLU B 234 29.72 -52.65 -10.29
N SER B 235 30.62 -52.67 -9.32
CA SER B 235 30.68 -53.72 -8.32
C SER B 235 30.98 -53.07 -6.96
N GLY B 236 31.06 -53.89 -5.91
CA GLY B 236 31.41 -53.38 -4.60
C GLY B 236 30.45 -52.33 -4.08
N ALA B 237 30.93 -51.52 -3.13
CA ALA B 237 30.14 -50.44 -2.56
C ALA B 237 29.58 -49.53 -3.65
N ALA B 238 30.34 -49.34 -4.72
CA ALA B 238 29.89 -48.48 -5.83
C ALA B 238 28.51 -48.86 -6.35
N ALA B 239 28.20 -50.17 -6.30
CA ALA B 239 26.95 -50.69 -6.83
C ALA B 239 25.74 -50.22 -6.04
N SER B 240 25.98 -49.65 -4.87
CA SER B 240 24.90 -49.09 -4.07
C SER B 240 24.77 -47.57 -4.18
N LEU B 241 25.70 -46.93 -4.88
CA LEU B 241 25.67 -45.48 -5.04
C LEU B 241 24.65 -45.07 -6.08
N ASN B 242 23.38 -45.36 -5.81
CA ASN B 242 22.32 -45.00 -6.73
C ASN B 242 21.01 -44.91 -5.98
N VAL B 243 20.00 -44.30 -6.61
CA VAL B 243 18.76 -43.96 -5.92
C VAL B 243 18.01 -45.19 -5.42
N ASP B 244 17.81 -46.15 -6.31
CA ASP B 244 17.14 -47.41 -5.99
C ASP B 244 17.78 -48.09 -4.78
N ALA B 245 19.10 -48.22 -4.79
CA ALA B 245 19.79 -48.87 -3.68
C ALA B 245 19.63 -48.12 -2.36
N ALA B 246 19.71 -46.79 -2.43
CA ALA B 246 19.54 -45.98 -1.23
C ALA B 246 18.13 -46.14 -0.69
N VAL B 247 17.14 -46.15 -1.57
CA VAL B 247 15.76 -46.27 -1.15
C VAL B 247 15.54 -47.63 -0.49
N GLN B 248 15.98 -48.70 -1.15
CA GLN B 248 15.85 -50.05 -0.58
C GLN B 248 16.56 -50.16 0.76
N GLN B 249 17.73 -49.54 0.87
CA GLN B 249 18.45 -49.52 2.15
C GLN B 249 17.57 -48.92 3.25
N TRP B 250 17.09 -47.71 3.06
CA TRP B 250 16.26 -47.08 4.08
C TRP B 250 14.94 -47.83 4.33
N LEU B 251 14.44 -48.55 3.31
CA LEU B 251 13.23 -49.33 3.47
C LEU B 251 13.46 -50.57 4.32
N GLN B 252 14.42 -51.38 3.89
CA GLN B 252 14.75 -52.61 4.59
C GLN B 252 15.25 -52.38 6.01
N LYS B 253 15.80 -51.20 6.27
CA LYS B 253 16.37 -50.97 7.59
C LYS B 253 15.37 -50.49 8.63
N GLY B 254 14.13 -50.27 8.19
CA GLY B 254 13.07 -49.97 9.13
C GLY B 254 12.09 -48.89 8.74
N THR B 255 12.38 -48.13 7.67
CA THR B 255 11.53 -46.99 7.39
C THR B 255 10.24 -47.39 6.70
N PRO B 256 9.09 -47.06 7.32
CA PRO B 256 7.80 -47.23 6.63
C PRO B 256 7.81 -46.49 5.31
N ALA B 257 7.40 -47.15 4.24
CA ALA B 257 7.41 -46.55 2.91
C ALA B 257 6.72 -45.19 2.89
N SER B 258 5.59 -45.10 3.60
CA SER B 258 4.78 -43.89 3.62
C SER B 258 5.51 -42.71 4.25
N LYS B 259 6.58 -42.97 4.99
CA LYS B 259 7.35 -41.90 5.63
C LYS B 259 8.63 -41.59 4.86
N LEU B 260 8.94 -42.37 3.84
CA LEU B 260 10.17 -42.13 3.08
C LEU B 260 9.91 -41.13 1.96
N ILE B 261 10.57 -39.99 2.04
CA ILE B 261 10.40 -38.94 1.03
C ILE B 261 11.63 -38.93 0.13
N LEU B 262 11.42 -39.15 -1.16
CA LEU B 262 12.54 -39.35 -2.08
C LEU B 262 13.10 -38.01 -2.52
N GLY B 263 14.37 -37.75 -2.17
CA GLY B 263 15.03 -36.51 -2.58
C GLY B 263 15.37 -36.50 -4.06
N MET B 264 15.25 -35.31 -4.66
CA MET B 264 15.50 -35.07 -6.08
C MET B 264 16.33 -33.79 -6.18
N PRO B 265 17.40 -33.80 -7.00
CA PRO B 265 18.24 -32.61 -7.10
C PRO B 265 17.88 -31.74 -8.30
N THR B 266 17.70 -30.44 -8.09
CA THR B 266 17.53 -29.55 -9.23
C THR B 266 18.82 -28.88 -9.59
N TYR B 267 19.91 -29.60 -9.36
CA TYR B 267 21.26 -29.16 -9.72
C TYR B 267 21.98 -30.41 -10.25
N GLY B 268 23.09 -30.22 -10.93
CA GLY B 268 23.93 -31.33 -11.34
C GLY B 268 25.35 -31.16 -10.82
N ARG B 269 26.16 -32.19 -10.99
CA ARG B 269 27.59 -32.09 -10.71
C ARG B 269 28.46 -32.20 -11.96
N SER B 270 29.46 -31.34 -12.04
CA SER B 270 30.27 -31.17 -13.26
C SER B 270 31.73 -31.52 -13.05
N PHE B 271 32.36 -31.96 -14.12
CA PHE B 271 33.76 -32.35 -14.10
C PHE B 271 34.48 -31.62 -15.24
N THR B 272 35.79 -31.50 -15.10
CA THR B 272 36.64 -31.17 -16.24
C THR B 272 37.28 -32.46 -16.74
N LEU B 273 37.00 -32.82 -17.99
CA LEU B 273 37.56 -34.05 -18.57
C LEU B 273 39.08 -33.96 -18.75
N ALA B 274 39.75 -35.09 -18.59
CA ALA B 274 41.17 -35.19 -18.93
C ALA B 274 41.32 -34.96 -20.43
N SER B 275 40.31 -35.40 -21.18
CA SER B 275 40.33 -35.19 -22.63
C SER B 275 38.92 -35.10 -23.20
N SER B 276 38.72 -34.12 -24.08
CA SER B 276 37.42 -33.91 -24.71
C SER B 276 37.06 -35.04 -25.68
N SER B 277 38.00 -35.93 -25.91
CA SER B 277 37.76 -37.10 -26.76
C SER B 277 37.19 -38.28 -25.95
N ASP B 278 37.19 -38.17 -24.62
CA ASP B 278 36.57 -39.22 -23.81
C ASP B 278 35.49 -38.65 -22.91
N THR B 279 34.24 -38.77 -23.37
CA THR B 279 33.11 -38.12 -22.72
C THR B 279 32.14 -39.08 -22.04
N ARG B 280 32.54 -40.34 -21.88
CA ARG B 280 31.65 -41.35 -21.29
C ARG B 280 31.51 -41.19 -19.78
N VAL B 281 30.47 -41.82 -19.23
CA VAL B 281 30.41 -42.05 -17.80
C VAL B 281 31.62 -42.90 -17.47
N GLY B 282 32.40 -42.47 -16.48
CA GLY B 282 33.58 -43.21 -16.06
C GLY B 282 34.84 -42.77 -16.76
N ALA B 283 34.73 -41.75 -17.61
CA ALA B 283 35.89 -41.13 -18.25
C ALA B 283 36.73 -40.39 -17.22
N PRO B 284 38.06 -40.41 -17.41
CA PRO B 284 38.92 -39.72 -16.45
C PRO B 284 38.68 -38.21 -16.41
N ALA B 285 38.70 -37.65 -15.21
CA ALA B 285 38.46 -36.22 -14.99
C ALA B 285 39.61 -35.63 -14.19
N THR B 286 39.98 -34.38 -14.46
CA THR B 286 41.07 -33.75 -13.72
C THR B 286 40.60 -32.96 -12.49
N GLY B 287 39.32 -32.63 -12.44
CA GLY B 287 38.77 -31.94 -11.29
C GLY B 287 37.36 -31.44 -11.54
N SER B 288 36.94 -30.43 -10.78
CA SER B 288 35.60 -29.89 -10.92
C SER B 288 35.37 -29.20 -12.27
N GLY B 289 34.12 -29.12 -12.70
CA GLY B 289 33.79 -28.38 -13.91
C GLY B 289 33.94 -26.89 -13.64
N THR B 290 34.02 -26.08 -14.68
CA THR B 290 34.16 -24.64 -14.43
C THR B 290 32.87 -24.11 -13.79
N PRO B 291 32.98 -23.12 -12.88
CA PRO B 291 31.81 -22.62 -12.16
C PRO B 291 30.73 -22.02 -13.07
N GLY B 292 29.46 -22.18 -12.70
CA GLY B 292 28.37 -21.56 -13.43
C GLY B 292 28.35 -20.03 -13.26
N PRO B 293 27.69 -19.33 -14.20
CA PRO B 293 27.66 -17.86 -14.17
C PRO B 293 26.95 -17.29 -12.95
N PHE B 294 26.09 -18.10 -12.31
CA PHE B 294 25.36 -17.62 -11.14
C PHE B 294 25.74 -18.32 -9.83
N THR B 295 25.84 -19.65 -9.85
CA THR B 295 26.16 -20.37 -8.61
C THR B 295 27.63 -20.21 -8.23
N LYS B 296 28.46 -19.97 -9.25
CA LYS B 296 29.87 -19.66 -9.08
C LYS B 296 30.62 -20.62 -8.16
N GLU B 297 30.30 -21.90 -8.25
CA GLU B 297 31.07 -22.84 -7.46
C GLU B 297 31.39 -24.04 -8.29
N GLY B 298 32.67 -24.20 -8.62
CA GLY B 298 33.11 -25.26 -9.51
C GLY B 298 32.70 -26.62 -8.99
N GLY B 299 32.19 -27.47 -9.88
CA GLY B 299 31.75 -28.78 -9.45
C GLY B 299 30.25 -28.99 -9.39
N MET B 300 29.48 -27.89 -9.36
CA MET B 300 28.02 -27.99 -9.44
C MET B 300 27.42 -26.89 -10.27
N LEU B 301 26.18 -27.11 -10.69
CA LEU B 301 25.47 -26.17 -11.53
C LEU B 301 23.99 -26.30 -11.23
N ALA B 302 23.29 -25.17 -11.24
CA ALA B 302 21.83 -25.18 -11.14
C ALA B 302 21.25 -25.69 -12.44
N TYR B 303 20.04 -26.23 -12.37
CA TYR B 303 19.38 -26.67 -13.60
C TYR B 303 19.35 -25.53 -14.62
N TYR B 304 19.16 -24.29 -14.17
CA TYR B 304 19.06 -23.18 -15.13
C TYR B 304 20.40 -22.83 -15.78
N GLU B 305 21.50 -23.31 -15.19
CA GLU B 305 22.82 -23.15 -15.79
C GLU B 305 23.11 -24.23 -16.83
N VAL B 306 22.43 -25.35 -16.71
CA VAL B 306 22.62 -26.46 -17.64
C VAL B 306 21.67 -26.45 -18.83
N CYS B 307 20.41 -26.08 -18.59
CA CYS B 307 19.33 -26.39 -19.55
C CYS B 307 19.47 -25.71 -20.91
N SER B 308 20.14 -24.57 -20.97
CA SER B 308 20.28 -23.82 -22.23
C SER B 308 21.74 -23.62 -22.61
N TRP B 309 22.59 -24.54 -22.15
CA TRP B 309 24.00 -24.55 -22.50
C TRP B 309 24.18 -24.73 -24.00
N LYS B 310 24.56 -23.66 -24.69
CA LYS B 310 24.66 -23.71 -26.15
C LYS B 310 25.87 -24.49 -26.62
N GLY B 311 25.70 -25.19 -27.73
CA GLY B 311 26.80 -25.91 -28.38
C GLY B 311 27.20 -27.20 -27.69
N ALA B 312 26.42 -27.63 -26.70
CA ALA B 312 26.75 -28.82 -25.94
C ALA B 312 26.02 -30.03 -26.50
N THR B 313 26.43 -31.22 -26.02
CA THR B 313 25.82 -32.48 -26.45
C THR B 313 25.26 -33.24 -25.26
N LYS B 314 23.94 -33.38 -25.23
CA LYS B 314 23.27 -34.11 -24.17
C LYS B 314 23.18 -35.60 -24.56
N GLN B 315 23.28 -36.48 -23.56
CA GLN B 315 23.13 -37.93 -23.74
C GLN B 315 22.35 -38.47 -22.56
N ARG B 316 21.94 -39.72 -22.65
CA ARG B 316 21.35 -40.43 -21.52
C ARG B 316 22.24 -41.61 -21.14
N ILE B 317 22.36 -41.84 -19.84
CA ILE B 317 22.97 -43.07 -19.36
C ILE B 317 21.88 -44.13 -19.35
N GLN B 318 21.95 -45.07 -20.28
CA GLN B 318 20.84 -45.98 -20.47
C GLN B 318 20.50 -46.81 -19.22
N ASP B 319 21.53 -47.29 -18.53
CA ASP B 319 21.32 -48.09 -17.31
C ASP B 319 20.74 -47.26 -16.17
N GLN B 320 21.13 -45.98 -16.11
CA GLN B 320 20.82 -45.19 -14.92
C GLN B 320 19.65 -44.22 -15.07
N LYS B 321 19.13 -44.11 -16.28
CA LYS B 321 17.87 -43.40 -16.57
C LYS B 321 17.97 -41.90 -16.32
N VAL B 322 19.19 -41.38 -16.39
CA VAL B 322 19.46 -39.95 -16.15
C VAL B 322 20.36 -39.38 -17.25
N PRO B 323 20.26 -38.05 -17.49
CA PRO B 323 21.10 -37.53 -18.59
C PRO B 323 22.41 -36.95 -18.12
N TYR B 324 23.32 -36.75 -19.07
CA TYR B 324 24.48 -35.92 -18.86
C TYR B 324 24.67 -35.07 -20.12
N ILE B 325 25.52 -34.07 -20.04
CA ILE B 325 25.71 -33.16 -21.16
C ILE B 325 27.14 -32.74 -21.17
N PHE B 326 27.73 -32.54 -22.36
CA PHE B 326 29.13 -32.20 -22.39
C PHE B 326 29.43 -31.24 -23.53
N ARG B 327 30.56 -30.55 -23.41
CA ARG B 327 31.05 -29.67 -24.45
C ARG B 327 32.53 -29.46 -24.21
N ASP B 328 33.34 -29.75 -25.22
CA ASP B 328 34.79 -29.70 -25.08
C ASP B 328 35.18 -30.55 -23.86
N ASN B 329 35.85 -29.97 -22.88
CA ASN B 329 36.31 -30.75 -21.74
C ASN B 329 35.45 -30.62 -20.47
N GLN B 330 34.20 -30.18 -20.65
CA GLN B 330 33.28 -30.04 -19.54
C GLN B 330 32.19 -31.09 -19.64
N TRP B 331 31.81 -31.68 -18.50
CA TRP B 331 30.89 -32.82 -18.46
C TRP B 331 29.99 -32.63 -17.26
N VAL B 332 28.68 -32.58 -17.46
CA VAL B 332 27.77 -32.38 -16.34
C VAL B 332 26.70 -33.47 -16.25
N GLY B 333 26.57 -34.10 -15.08
CA GLY B 333 25.50 -35.05 -14.85
C GLY B 333 24.40 -34.36 -14.09
N PHE B 334 23.16 -34.48 -14.54
CA PHE B 334 22.11 -33.64 -13.98
C PHE B 334 20.76 -34.26 -14.20
N ASP B 335 19.73 -33.66 -13.62
CA ASP B 335 18.37 -34.19 -13.78
C ASP B 335 17.53 -33.26 -14.64
N ASP B 336 16.73 -33.85 -15.52
CA ASP B 336 15.82 -33.07 -16.38
C ASP B 336 14.37 -33.49 -16.16
N VAL B 337 13.46 -32.94 -16.95
CA VAL B 337 12.04 -33.24 -16.76
C VAL B 337 11.76 -34.74 -16.93
N GLU B 338 12.46 -35.37 -17.85
CA GLU B 338 12.22 -36.78 -18.08
C GLU B 338 12.71 -37.63 -16.91
N SER B 339 13.88 -37.31 -16.37
CA SER B 339 14.41 -38.12 -15.27
C SER B 339 13.58 -37.92 -13.98
N PHE B 340 13.04 -36.72 -13.78
CA PHE B 340 12.14 -36.45 -12.65
C PHE B 340 10.85 -37.27 -12.80
N LYS B 341 10.33 -37.35 -14.02
CA LYS B 341 9.19 -38.23 -14.30
C LYS B 341 9.51 -39.67 -13.95
N THR B 342 10.64 -40.16 -14.44
CA THR B 342 11.07 -41.53 -14.21
C THR B 342 11.20 -41.85 -12.71
N LYS B 343 11.67 -40.87 -11.93
CA LYS B 343 11.88 -41.08 -10.50
C LYS B 343 10.58 -41.02 -9.71
N VAL B 344 9.60 -40.27 -10.20
CA VAL B 344 8.30 -40.29 -9.57
C VAL B 344 7.57 -41.60 -9.86
N SER B 345 7.62 -42.06 -11.11
CA SER B 345 7.11 -43.40 -11.41
C SER B 345 7.71 -44.41 -10.44
N TYR B 346 9.03 -44.33 -10.26
CA TYR B 346 9.73 -45.23 -9.35
C TYR B 346 9.18 -45.12 -7.93
N LEU B 347 9.13 -43.90 -7.40
CA LEU B 347 8.69 -43.69 -6.02
C LEU B 347 7.25 -44.17 -5.81
N LYS B 348 6.36 -43.85 -6.76
CA LYS B 348 4.98 -44.32 -6.69
C LYS B 348 4.93 -45.85 -6.74
N GLN B 349 5.78 -46.42 -7.57
CA GLN B 349 5.88 -47.86 -7.73
C GLN B 349 6.34 -48.52 -6.42
N LYS B 350 7.05 -47.77 -5.58
CA LYS B 350 7.54 -48.32 -4.31
C LYS B 350 6.61 -48.00 -3.15
N GLY B 351 5.56 -47.23 -3.43
CA GLY B 351 4.64 -46.80 -2.39
C GLY B 351 5.20 -45.77 -1.43
N LEU B 352 6.16 -44.97 -1.89
CA LEU B 352 6.78 -43.96 -1.03
C LEU B 352 5.82 -42.83 -0.70
N GLY B 353 6.16 -42.02 0.31
CA GLY B 353 5.28 -40.96 0.77
C GLY B 353 5.32 -39.68 -0.05
N GLY B 354 6.17 -39.64 -1.07
CA GLY B 354 6.26 -38.50 -1.95
C GLY B 354 7.68 -38.13 -2.27
N ALA B 355 7.87 -36.92 -2.81
CA ALA B 355 9.18 -36.46 -3.27
C ALA B 355 9.63 -35.24 -2.47
N MET B 356 10.94 -35.17 -2.22
CA MET B 356 11.60 -33.98 -1.65
C MET B 356 12.48 -33.33 -2.72
N VAL B 357 12.73 -32.04 -2.64
CA VAL B 357 13.62 -31.44 -3.63
C VAL B 357 14.57 -30.39 -3.07
N TRP B 358 15.85 -30.56 -3.42
CA TRP B 358 16.87 -29.55 -3.17
C TRP B 358 17.31 -28.94 -4.51
N ALA B 359 17.01 -27.68 -4.78
CA ALA B 359 16.27 -26.78 -3.91
C ALA B 359 15.46 -25.86 -4.80
N LEU B 360 14.58 -25.08 -4.19
CA LEU B 360 13.71 -24.19 -4.95
C LEU B 360 14.48 -23.24 -5.85
N ASP B 361 15.63 -22.76 -5.38
CA ASP B 361 16.35 -21.68 -6.06
C ASP B 361 17.29 -22.18 -7.15
N LEU B 362 17.33 -23.51 -7.32
CA LEU B 362 18.21 -24.13 -8.33
C LEU B 362 17.43 -24.64 -9.53
N ASP B 363 16.12 -24.79 -9.38
CA ASP B 363 15.24 -25.01 -10.52
C ASP B 363 15.11 -23.66 -11.24
N ASP B 364 14.60 -23.66 -12.46
CA ASP B 364 14.36 -22.38 -13.16
C ASP B 364 13.12 -21.72 -12.56
N PHE B 365 13.28 -21.16 -11.38
CA PHE B 365 12.16 -20.64 -10.60
C PHE B 365 11.45 -19.47 -11.27
N ALA B 366 12.19 -18.69 -12.05
CA ALA B 366 11.61 -17.56 -12.75
C ALA B 366 11.42 -17.78 -14.25
N GLY B 367 11.79 -18.97 -14.74
CA GLY B 367 11.63 -19.30 -16.16
C GLY B 367 12.41 -18.41 -17.12
N PHE B 368 13.60 -18.00 -16.72
CA PHE B 368 14.38 -17.05 -17.51
C PHE B 368 15.39 -17.73 -18.43
N SER B 369 15.52 -19.04 -18.30
CA SER B 369 16.64 -19.70 -18.96
C SER B 369 16.26 -20.88 -19.84
N CYS B 370 15.31 -21.70 -19.38
CA CYS B 370 15.03 -23.01 -19.99
C CYS B 370 13.90 -23.05 -20.99
N ASN B 371 13.12 -21.97 -21.06
CA ASN B 371 11.94 -21.89 -21.93
C ASN B 371 10.91 -22.96 -21.61
N GLN B 372 10.86 -23.35 -20.35
CA GLN B 372 9.93 -24.37 -19.89
C GLN B 372 8.95 -23.80 -18.88
N GLY B 373 8.88 -22.48 -18.82
CA GLY B 373 8.05 -21.79 -17.85
C GLY B 373 8.64 -21.81 -16.46
N ARG B 374 7.85 -21.42 -15.47
CA ARG B 374 8.35 -21.32 -14.11
C ARG B 374 8.37 -22.66 -13.40
N TYR B 375 9.48 -22.92 -12.70
CA TYR B 375 9.68 -24.14 -11.94
C TYR B 375 9.43 -25.42 -12.74
N PRO B 376 10.08 -25.56 -13.90
CA PRO B 376 9.77 -26.74 -14.73
C PRO B 376 9.98 -28.06 -14.01
N LEU B 377 11.10 -28.22 -13.31
CA LEU B 377 11.39 -29.47 -12.61
C LEU B 377 10.41 -29.73 -11.46
N ILE B 378 10.24 -28.74 -10.60
CA ILE B 378 9.38 -28.96 -9.45
C ILE B 378 7.89 -29.03 -9.82
N GLN B 379 7.50 -28.31 -10.87
CA GLN B 379 6.15 -28.45 -11.40
C GLN B 379 5.93 -29.85 -11.96
N THR B 380 7.00 -30.40 -12.53
CA THR B 380 6.95 -31.76 -13.04
C THR B 380 6.65 -32.72 -11.89
N LEU B 381 7.26 -32.48 -10.74
CA LEU B 381 7.06 -33.32 -9.57
C LEU B 381 5.61 -33.26 -9.09
N ARG B 382 5.10 -32.04 -8.93
CA ARG B 382 3.72 -31.82 -8.50
C ARG B 382 2.75 -32.50 -9.48
N GLN B 383 2.95 -32.26 -10.78
CA GLN B 383 2.10 -32.84 -11.80
C GLN B 383 2.11 -34.38 -11.84
N GLU B 384 3.27 -35.00 -11.62
CA GLU B 384 3.36 -36.47 -11.64
C GLU B 384 2.82 -37.13 -10.37
N LEU B 385 2.96 -36.45 -9.24
CA LEU B 385 2.42 -36.95 -7.98
C LEU B 385 0.90 -36.82 -7.96
N SER B 386 0.36 -36.10 -8.95
CA SER B 386 -1.06 -35.72 -8.96
C SER B 386 -1.44 -34.97 -7.68
N PHE B 419 -0.09 -5.04 15.23
CA PHE B 419 -0.74 -3.77 14.93
C PHE B 419 -0.32 -3.33 13.53
N CYS B 420 0.33 -2.19 13.47
CA CYS B 420 0.92 -1.73 12.25
C CYS B 420 2.31 -1.33 12.56
N GLN B 421 2.94 -2.06 13.48
CA GLN B 421 4.29 -1.78 13.92
C GLN B 421 5.16 -2.83 13.32
N GLY B 422 4.51 -3.55 12.43
CA GLY B 422 5.00 -4.76 11.85
C GLY B 422 4.53 -4.51 10.46
N LYS B 423 5.28 -3.68 9.79
CA LYS B 423 6.48 -3.02 10.34
C LYS B 423 7.46 -3.26 9.29
N ALA B 424 8.19 -2.24 8.99
CA ALA B 424 8.78 -2.12 7.72
C ALA B 424 7.71 -1.28 7.13
N ASP B 425 8.06 -0.05 6.88
CA ASP B 425 7.24 0.86 6.16
C ASP B 425 6.75 0.11 4.92
N GLY B 426 5.50 0.29 4.59
CA GLY B 426 4.93 -0.32 3.40
C GLY B 426 3.42 -0.30 3.43
N LEU B 427 2.81 -0.82 2.37
CA LEU B 427 1.36 -0.95 2.29
C LEU B 427 0.97 -2.38 2.67
N TYR B 428 -0.14 -2.50 3.38
CA TYR B 428 -0.61 -3.81 3.86
C TYR B 428 -2.11 -3.95 3.66
N PRO B 429 -2.56 -5.17 3.33
CA PRO B 429 -3.99 -5.43 3.11
C PRO B 429 -4.82 -4.97 4.30
N ASN B 430 -5.94 -4.30 4.05
CA ASN B 430 -6.88 -4.00 5.11
C ASN B 430 -7.75 -5.22 5.34
N PRO B 431 -7.54 -5.92 6.48
CA PRO B 431 -8.21 -7.19 6.76
C PRO B 431 -9.74 -7.03 6.80
N ARG B 432 -10.17 -5.80 7.01
CA ARG B 432 -11.58 -5.46 7.15
C ARG B 432 -12.26 -4.90 5.89
N GLU B 433 -11.47 -4.55 4.90
CA GLU B 433 -12.03 -3.94 3.68
C GLU B 433 -11.13 -4.12 2.45
N ARG B 434 -11.72 -4.65 1.37
CA ARG B 434 -11.00 -4.89 0.13
C ARG B 434 -10.54 -3.61 -0.56
N SER B 435 -11.29 -2.52 -0.38
CA SER B 435 -11.07 -1.28 -1.14
C SER B 435 -10.21 -0.26 -0.39
N SER B 436 -9.67 -0.67 0.75
CA SER B 436 -8.70 0.14 1.49
C SER B 436 -7.45 -0.69 1.74
N PHE B 437 -6.48 -0.06 2.40
CA PHE B 437 -5.26 -0.74 2.78
C PHE B 437 -4.64 -0.07 4.00
N TYR B 438 -3.80 -0.80 4.71
CA TYR B 438 -3.07 -0.23 5.84
C TYR B 438 -1.73 0.31 5.41
N SER B 439 -1.43 1.55 5.77
CA SER B 439 -0.11 2.11 5.50
C SER B 439 0.66 2.22 6.81
N CYS B 440 1.78 1.50 6.90
CA CYS B 440 2.64 1.59 8.06
C CYS B 440 3.81 2.53 7.81
N ALA B 441 3.98 3.50 8.70
CA ALA B 441 5.12 4.42 8.62
C ALA B 441 5.73 4.61 10.01
N ALA B 442 6.89 3.97 10.22
CA ALA B 442 7.57 3.96 11.52
C ALA B 442 6.73 3.33 12.63
N GLY B 443 6.00 2.27 12.29
CA GLY B 443 5.16 1.60 13.27
C GLY B 443 3.91 2.38 13.61
N ARG B 444 3.54 3.32 12.74
CA ARG B 444 2.33 4.13 12.91
C ARG B 444 1.34 3.87 11.77
N LEU B 445 0.10 3.54 12.11
CA LEU B 445 -0.92 3.21 11.10
C LEU B 445 -1.61 4.40 10.44
N PHE B 446 -1.68 4.37 9.11
CA PHE B 446 -2.44 5.34 8.35
C PHE B 446 -3.43 4.60 7.44
N GLN B 447 -4.70 4.95 7.52
CA GLN B 447 -5.70 4.28 6.68
C GLN B 447 -5.96 5.04 5.40
N GLN B 448 -5.82 4.34 4.27
CA GLN B 448 -6.07 4.95 2.98
C GLN B 448 -6.93 4.10 2.07
N SER B 449 -7.67 4.77 1.20
CA SER B 449 -8.57 4.10 0.28
C SER B 449 -7.92 3.95 -1.08
N CYS B 450 -8.09 2.78 -1.68
CA CYS B 450 -7.76 2.59 -3.08
C CYS B 450 -8.56 3.60 -3.89
N PRO B 451 -8.10 3.92 -5.11
CA PRO B 451 -9.00 4.69 -5.97
C PRO B 451 -10.34 3.97 -6.09
N THR B 452 -11.43 4.71 -5.93
CA THR B 452 -12.80 4.15 -5.97
C THR B 452 -13.00 3.10 -7.08
N GLY B 453 -13.50 1.92 -6.73
CA GLY B 453 -13.71 0.85 -7.69
C GLY B 453 -12.57 -0.14 -7.75
N LEU B 454 -11.42 0.26 -7.19
CA LEU B 454 -10.24 -0.60 -7.16
C LEU B 454 -10.11 -1.35 -5.83
N VAL B 455 -9.30 -2.42 -5.81
CA VAL B 455 -9.07 -3.22 -4.59
C VAL B 455 -7.58 -3.49 -4.35
N PHE B 456 -7.18 -3.57 -3.09
CA PHE B 456 -5.78 -3.77 -2.75
C PHE B 456 -5.27 -5.19 -3.07
N SER B 457 -4.15 -5.26 -3.80
CA SER B 457 -3.55 -6.54 -4.16
C SER B 457 -2.14 -6.70 -3.57
N ASN B 458 -1.95 -7.70 -2.71
CA ASN B 458 -0.66 -7.94 -2.06
C ASN B 458 0.52 -8.20 -3.02
N SER B 459 0.22 -8.79 -4.17
CA SER B 459 1.22 -9.08 -5.21
C SER B 459 1.98 -7.84 -5.66
N CYS B 460 1.26 -6.73 -5.82
CA CYS B 460 1.87 -5.49 -6.26
C CYS B 460 1.94 -4.48 -5.12
N LYS B 461 1.35 -4.84 -3.97
CA LYS B 461 1.13 -3.91 -2.85
C LYS B 461 0.55 -2.60 -3.38
N CYS B 462 -0.48 -2.73 -4.20
CA CYS B 462 -1.05 -1.58 -4.89
C CYS B 462 -2.54 -1.83 -5.12
N CYS B 463 -3.23 -0.79 -5.56
CA CYS B 463 -4.64 -0.93 -5.88
C CYS B 463 -4.79 -1.21 -7.37
N THR B 464 -5.56 -2.23 -7.70
CA THR B 464 -5.73 -2.61 -9.08
C THR B 464 -7.13 -3.17 -9.34
N TRP B 465 -7.46 -3.37 -10.61
CA TRP B 465 -8.78 -3.84 -11.02
C TRP B 465 -9.17 -5.17 -10.37
N ASN B 466 -10.42 -5.23 -9.90
CA ASN B 466 -11.02 -6.45 -9.41
C ASN B 466 -10.90 -7.52 -10.49
N LEU B 467 -10.45 -8.72 -10.12
CA LEU B 467 -10.27 -9.81 -11.09
C LEU B 467 -11.61 -10.33 -11.60
N VAL B 468 -12.65 -10.16 -10.79
CA VAL B 468 -14.02 -10.45 -11.21
C VAL B 468 -14.77 -9.13 -11.34
N PRO B 469 -14.74 -8.51 -12.54
CA PRO B 469 -15.30 -7.17 -12.76
C PRO B 469 -16.82 -7.19 -12.62
N ARG B 470 -17.41 -6.16 -12.02
CA ARG B 470 -18.82 -6.18 -11.67
C ARG B 470 -19.64 -5.03 -12.24
N GLY B 471 -18.95 -4.10 -12.91
CA GLY B 471 -19.58 -2.86 -13.32
C GLY B 471 -19.63 -1.91 -12.12
N SER B 472 -18.50 -1.79 -11.42
CA SER B 472 -18.41 -0.98 -10.21
C SER B 472 -18.22 0.49 -10.54
N LEU B 473 -18.50 1.37 -9.59
CA LEU B 473 -18.27 2.79 -9.78
C LEU B 473 -16.77 3.01 -9.75
N GLU B 474 -16.27 3.85 -10.65
CA GLU B 474 -14.85 4.17 -10.73
C GLU B 474 -14.69 5.58 -11.31
N HIS B 475 -13.55 6.25 -11.09
CA HIS B 475 -13.26 7.48 -11.84
C HIS B 475 -12.20 7.22 -12.92
N HIS B 476 -11.90 8.20 -13.76
CA HIS B 476 -10.97 7.97 -14.88
C HIS B 476 -9.52 7.74 -14.47
N HIS B 477 -8.94 8.71 -13.77
CA HIS B 477 -7.51 8.64 -13.43
C HIS B 477 -7.18 9.03 -11.98
N HIS B 478 -8.14 8.83 -11.08
N HIS B 478 -8.14 8.83 -11.08
CA HIS B 478 -7.91 9.02 -9.64
CA HIS B 478 -7.92 9.02 -9.64
C HIS B 478 -8.81 8.08 -8.85
C HIS B 478 -8.81 8.08 -8.85
#